data_4K3M
#
_entry.id   4K3M
#
_cell.length_a   79.853
_cell.length_b   67.290
_cell.length_c   81.190
_cell.angle_alpha   90.000
_cell.angle_beta   113.760
_cell.angle_gamma   90.000
#
_symmetry.space_group_name_H-M   'P 1 21 1'
#
loop_
_entity.id
_entity.type
_entity.pdbx_description
1 polymer 'DNA polymerase III subunit beta'
2 polymer ALDLF
3 non-polymer DI(HYDROXYETHYL)ETHER
4 non-polymer 'CALCIUM ION'
5 non-polymer 'TRIETHYLENE GLYCOL'
6 non-polymer 'TETRAETHYLENE GLYCOL'
7 water water
#
loop_
_entity_poly.entity_id
_entity_poly.type
_entity_poly.pdbx_seq_one_letter_code
_entity_poly.pdbx_strand_id
1 'polypeptide(L)'
;MKFTVEREHLLKPLQQVSGPLGGRPTLPILGNLLLQVADGTLSLTGTDLEMEMVARVALVQPHEPGATTVPARKFFDICR
GLPEGAEIAVQLEGERMLVRSGRSRFSLSTLPAADFPNLDDWQSEVEFTLPQATMKRLIEATQFSMAHQDVRYYLNGMLF
ETEGEELRTVATDGHRLAVCSMPIGQSLPSHSVIVPRKGVIELMRMLDGGDNPLRVQIGSNNIRAHVGDFIFTSKLVDGR
FPDYRRVLPKNPDKHLEAGCDLLKQAFARAAILSNEKFRGVRLYVSENQLKITANNPEQEEAEEILDVTYSGAEMEIGFN
VSYVLDVLNALKCENVRMMLTDSVSSVQIEDAASQSAAYVVMPMRL
;
A,B
2 'polypeptide(L)' ALDLF E
#
# COMPACT_ATOMS: atom_id res chain seq x y z
N MET A 1 30.60 20.67 17.12
CA MET A 1 30.25 20.15 15.77
C MET A 1 29.27 21.11 15.11
N LYS A 2 29.64 21.64 13.94
CA LYS A 2 28.77 22.51 13.16
C LYS A 2 28.92 22.18 11.69
N PHE A 3 27.79 22.12 10.98
CA PHE A 3 27.81 22.06 9.51
C PHE A 3 26.61 22.76 8.90
N THR A 4 26.74 23.21 7.66
CA THR A 4 25.63 23.74 6.90
C THR A 4 25.62 23.07 5.54
N VAL A 5 24.55 22.35 5.25
CA VAL A 5 24.43 21.59 4.01
C VAL A 5 23.09 21.81 3.33
N GLU A 6 23.11 21.72 2.00
CA GLU A 6 21.90 21.77 1.21
C GLU A 6 21.07 20.52 1.48
N ARG A 7 19.76 20.72 1.66
CA ARG A 7 18.81 19.63 1.90
C ARG A 7 19.03 18.47 0.95
N GLU A 8 19.21 18.82 -0.32
CA GLU A 8 19.35 17.85 -1.40
C GLU A 8 20.56 16.93 -1.23
N HIS A 9 21.61 17.42 -0.57
CA HIS A 9 22.79 16.61 -0.30
C HIS A 9 22.62 15.70 0.91
N LEU A 10 21.66 16.02 1.78
CA LEU A 10 21.41 15.22 2.98
C LEU A 10 20.38 14.12 2.81
N LEU A 11 19.36 14.36 1.99
CA LEU A 11 18.19 13.49 1.88
C LEU A 11 18.47 12.02 1.58
N LYS A 12 19.16 11.76 0.46
CA LYS A 12 19.44 10.38 0.07
C LYS A 12 20.33 9.67 1.11
N PRO A 13 21.45 10.32 1.53
CA PRO A 13 22.23 9.67 2.60
C PRO A 13 21.40 9.36 3.85
N LEU A 14 20.55 10.29 4.28
CA LEU A 14 19.68 10.07 5.45
C LEU A 14 18.72 8.92 5.24
N GLN A 15 18.09 8.85 4.06
CA GLN A 15 17.24 7.73 3.70
C GLN A 15 18.01 6.41 3.74
N GLN A 16 19.23 6.41 3.22
CA GLN A 16 20.05 5.19 3.14
C GLN A 16 20.51 4.67 4.49
N VAL A 17 20.89 5.58 5.39
CA VAL A 17 21.35 5.16 6.71
C VAL A 17 20.19 4.98 7.69
N SER A 18 19.08 5.68 7.45
CA SER A 18 17.90 5.63 8.33
C SER A 18 17.06 4.39 8.12
N GLY A 19 17.00 3.92 6.87
CA GLY A 19 16.29 2.68 6.49
C GLY A 19 15.74 1.86 7.64
N LEU A 27 18.92 -1.13 23.96
CA LEU A 27 19.72 -0.06 23.42
C LEU A 27 18.89 0.88 22.54
N PRO A 28 18.35 1.97 23.14
CA PRO A 28 17.72 3.03 22.35
C PRO A 28 18.68 3.64 21.32
N ILE A 29 19.99 3.63 21.61
CA ILE A 29 20.98 4.23 20.72
C ILE A 29 20.95 3.65 19.30
N LEU A 30 20.43 2.43 19.15
CA LEU A 30 20.24 1.81 17.83
C LEU A 30 19.18 2.54 16.99
N GLY A 31 18.42 3.44 17.64
CA GLY A 31 17.43 4.27 16.96
C GLY A 31 18.01 5.61 16.51
N ASN A 32 19.28 5.81 16.83
CA ASN A 32 19.97 7.05 16.53
C ASN A 32 20.96 6.89 15.38
N LEU A 33 21.22 7.99 14.68
CA LEU A 33 22.33 8.08 13.74
C LEU A 33 23.55 8.73 14.37
N LEU A 34 24.72 8.17 14.10
CA LEU A 34 25.98 8.77 14.47
C LEU A 34 26.35 9.79 13.40
N LEU A 35 26.56 11.05 13.83
CA LEU A 35 27.04 12.11 12.95
C LEU A 35 28.44 12.49 13.36
N GLN A 36 29.35 12.55 12.39
CA GLN A 36 30.74 12.91 12.64
C GLN A 36 31.20 13.92 11.59
N VAL A 37 31.65 15.10 12.05
CA VAL A 37 32.32 16.04 11.15
C VAL A 37 33.81 15.88 11.40
N ALA A 38 34.54 15.49 10.36
CA ALA A 38 35.99 15.30 10.43
C ALA A 38 36.56 15.44 9.02
N ASP A 39 37.70 16.11 8.93
CA ASP A 39 38.41 16.36 7.67
C ASP A 39 37.51 16.81 6.51
N GLY A 40 36.70 17.83 6.75
CA GLY A 40 35.81 18.35 5.70
C GLY A 40 34.72 17.42 5.17
N THR A 41 34.42 16.37 5.92
CA THR A 41 33.40 15.40 5.55
C THR A 41 32.43 15.18 6.70
N LEU A 42 31.13 15.15 6.39
CA LEU A 42 30.15 14.64 7.32
C LEU A 42 29.92 13.16 7.04
N SER A 43 30.06 12.34 8.08
CA SER A 43 29.73 10.94 7.99
C SER A 43 28.48 10.66 8.81
N LEU A 44 27.62 9.80 8.26
CA LEU A 44 26.36 9.43 8.90
C LEU A 44 26.31 7.93 8.97
N THR A 45 26.12 7.39 10.18
CA THR A 45 26.13 5.95 10.40
C THR A 45 24.87 5.48 11.14
N GLY A 46 24.27 4.41 10.61
CA GLY A 46 23.20 3.67 11.28
C GLY A 46 23.55 2.19 11.38
N THR A 47 23.11 1.56 12.48
CA THR A 47 23.40 0.16 12.74
C THR A 47 22.28 -0.55 13.51
N ASP A 48 22.26 -1.88 13.44
CA ASP A 48 21.43 -2.71 14.33
C ASP A 48 22.27 -3.81 15.01
N LEU A 49 23.59 -3.60 15.04
CA LEU A 49 24.57 -4.59 15.56
C LEU A 49 24.91 -5.74 14.60
N GLU A 50 24.03 -6.03 13.65
CA GLU A 50 24.27 -7.07 12.65
C GLU A 50 24.79 -6.47 11.34
N MET A 51 24.31 -5.27 11.03
CA MET A 51 24.72 -4.59 9.80
C MET A 51 24.90 -3.09 10.04
N GLU A 52 25.55 -2.43 9.10
CA GLU A 52 25.93 -1.04 9.24
C GLU A 52 25.91 -0.33 7.89
N MET A 53 25.34 0.87 7.83
CA MET A 53 25.42 1.74 6.66
C MET A 53 26.11 3.06 7.02
N VAL A 54 27.11 3.44 6.22
CA VAL A 54 27.84 4.68 6.44
C VAL A 54 27.77 5.50 5.14
N ALA A 55 27.40 6.77 5.26
CA ALA A 55 27.35 7.68 4.12
C ALA A 55 28.30 8.83 4.39
N ARG A 56 29.05 9.24 3.37
CA ARG A 56 29.94 10.38 3.50
C ARG A 56 29.45 11.54 2.63
N VAL A 57 29.46 12.74 3.21
CA VAL A 57 28.98 13.93 2.53
C VAL A 57 30.04 15.02 2.61
N ALA A 58 30.53 15.46 1.44
CA ALA A 58 31.53 16.52 1.38
C ALA A 58 30.96 17.83 1.95
N LEU A 59 31.74 18.51 2.79
CA LEU A 59 31.29 19.76 3.39
C LEU A 59 32.02 20.93 2.74
N VAL A 60 31.32 21.65 1.85
CA VAL A 60 31.91 22.77 1.10
C VAL A 60 31.75 24.11 1.84
N GLN A 61 30.80 24.16 2.77
CA GLN A 61 30.59 25.34 3.58
C GLN A 61 31.38 25.21 4.88
N PRO A 62 31.65 26.33 5.58
CA PRO A 62 32.37 26.29 6.85
C PRO A 62 31.74 25.31 7.83
N HIS A 63 32.58 24.63 8.60
CA HIS A 63 32.14 23.58 9.48
C HIS A 63 33.12 23.50 10.62
N GLU A 64 32.67 22.87 11.71
CA GLU A 64 33.50 22.60 12.88
C GLU A 64 33.40 21.12 13.25
N PRO A 65 34.53 20.50 13.63
CA PRO A 65 34.55 19.05 13.90
C PRO A 65 33.85 18.65 15.20
N GLY A 66 33.47 17.38 15.28
CA GLY A 66 32.87 16.78 16.47
C GLY A 66 31.90 15.70 16.07
N ALA A 67 31.38 14.97 17.05
CA ALA A 67 30.49 13.85 16.77
C ALA A 67 29.36 13.78 17.79
N THR A 68 28.19 13.34 17.34
CA THR A 68 27.06 13.11 18.24
C THR A 68 26.17 12.06 17.62
N THR A 69 25.09 11.69 18.32
CA THR A 69 24.07 10.81 17.76
C THR A 69 22.71 11.43 18.01
N VAL A 70 21.81 11.29 17.03
CA VAL A 70 20.49 11.88 17.11
C VAL A 70 19.48 10.86 16.61
N PRO A 71 18.21 10.97 17.07
CA PRO A 71 17.12 10.10 16.64
C PRO A 71 16.98 10.13 15.11
N ALA A 72 17.13 8.96 14.51
CA ALA A 72 17.25 8.81 13.06
C ALA A 72 15.98 9.20 12.33
N ARG A 73 14.86 8.63 12.73
CA ARG A 73 13.59 8.90 12.06
C ARG A 73 13.21 10.39 12.16
N LYS A 74 13.30 10.96 13.35
CA LYS A 74 12.99 12.38 13.54
C LYS A 74 13.85 13.29 12.66
N PHE A 75 15.16 13.06 12.66
CA PHE A 75 16.09 13.89 11.90
C PHE A 75 15.78 13.79 10.40
N PHE A 76 15.58 12.56 9.92
CA PHE A 76 15.18 12.33 8.53
C PHE A 76 13.86 13.02 8.19
N ASP A 77 12.85 12.81 9.04
CA ASP A 77 11.53 13.42 8.81
C ASP A 77 11.56 14.94 8.80
N ILE A 78 12.40 15.54 9.64
CA ILE A 78 12.56 16.99 9.65
C ILE A 78 13.19 17.47 8.34
N CYS A 79 14.24 16.78 7.90
CA CYS A 79 14.93 17.16 6.66
C CYS A 79 14.05 17.02 5.42
N ARG A 80 13.36 15.87 5.33
CA ARG A 80 12.44 15.58 4.23
C ARG A 80 11.28 16.58 4.21
N GLY A 81 10.83 16.99 5.40
CA GLY A 81 9.73 17.93 5.57
C GLY A 81 10.01 19.36 5.17
N LEU A 82 11.28 19.73 5.15
CA LEU A 82 11.71 21.05 4.72
C LEU A 82 11.55 21.22 3.19
N PRO A 83 11.45 22.46 2.70
CA PRO A 83 11.15 22.71 1.28
C PRO A 83 12.32 22.43 0.34
N GLU A 84 12.00 22.18 -0.93
CA GLU A 84 12.99 22.04 -1.99
C GLU A 84 13.99 23.18 -1.90
N GLY A 85 15.28 22.84 -1.92
CA GLY A 85 16.33 23.85 -1.92
C GLY A 85 16.66 24.47 -0.58
N ALA A 86 16.14 23.91 0.51
CA ALA A 86 16.48 24.40 1.85
C ALA A 86 17.96 24.20 2.14
N GLU A 87 18.57 25.17 2.83
CA GLU A 87 19.88 24.99 3.46
C GLU A 87 19.65 24.55 4.90
N ILE A 88 20.39 23.54 5.35
CA ILE A 88 20.20 23.03 6.71
C ILE A 88 21.46 23.26 7.56
N ALA A 89 21.36 24.17 8.52
CA ALA A 89 22.44 24.47 9.45
C ALA A 89 22.25 23.65 10.72
N VAL A 90 23.30 22.98 11.16
CA VAL A 90 23.24 22.06 12.28
C VAL A 90 24.37 22.41 13.25
N GLN A 91 24.07 22.44 14.54
CA GLN A 91 25.10 22.64 15.55
C GLN A 91 24.74 21.98 16.90
N LEU A 92 25.76 21.40 17.52
CA LEU A 92 25.60 20.76 18.81
C LEU A 92 25.65 21.84 19.87
N GLU A 93 24.60 21.93 20.68
CA GLU A 93 24.56 22.93 21.75
C GLU A 93 24.17 22.26 23.05
N GLY A 94 25.15 22.16 23.95
CA GLY A 94 25.00 21.39 25.17
C GLY A 94 24.72 19.96 24.78
N GLU A 95 23.56 19.48 25.19
CA GLU A 95 23.16 18.11 24.93
C GLU A 95 22.11 17.99 23.83
N ARG A 96 21.77 19.12 23.22
CA ARG A 96 20.81 19.13 22.11
C ARG A 96 21.54 19.34 20.79
N MET A 97 20.94 18.84 19.71
CA MET A 97 21.38 19.21 18.38
C MET A 97 20.38 20.17 17.75
N LEU A 98 20.87 21.34 17.39
CA LEU A 98 20.04 22.37 16.78
C LEU A 98 20.05 22.21 15.27
N VAL A 99 18.85 22.23 14.70
CA VAL A 99 18.68 22.18 13.25
C VAL A 99 17.92 23.43 12.86
N ARG A 100 18.50 24.21 11.95
CA ARG A 100 17.87 25.45 11.51
C ARG A 100 17.83 25.53 9.99
N SER A 101 16.70 25.99 9.47
CA SER A 101 16.54 26.23 8.04
C SER A 101 15.42 27.26 7.85
N GLY A 102 15.71 28.36 7.17
CA GLY A 102 14.74 29.45 7.01
C GLY A 102 14.36 29.94 8.40
N ARG A 103 13.06 29.94 8.71
CA ARG A 103 12.64 30.20 10.07
C ARG A 103 11.98 28.95 10.68
N SER A 104 12.53 27.79 10.32
CA SER A 104 12.17 26.53 10.96
C SER A 104 13.33 26.17 11.88
N ARG A 105 13.04 25.91 13.16
CA ARG A 105 14.07 25.56 14.16
C ARG A 105 13.68 24.32 14.94
N PHE A 106 14.65 23.43 15.16
CA PHE A 106 14.40 22.17 15.83
C PHE A 106 15.51 21.85 16.81
N SER A 107 15.13 21.36 17.98
CA SER A 107 16.09 20.97 19.01
CA SER A 107 16.10 20.96 18.99
C SER A 107 15.88 19.49 19.32
N LEU A 108 16.87 18.67 18.96
CA LEU A 108 16.77 17.23 19.11
C LEU A 108 17.64 16.72 20.25
N SER A 109 17.17 15.68 20.91
CA SER A 109 17.94 14.98 21.93
C SER A 109 19.12 14.23 21.31
N THR A 110 20.16 14.03 22.11
CA THR A 110 21.34 13.28 21.66
C THR A 110 21.73 12.19 22.62
N LEU A 111 22.44 11.19 22.11
CA LEU A 111 23.17 10.25 22.96
C LEU A 111 24.65 10.36 22.57
N PRO A 112 25.57 10.21 23.54
CA PRO A 112 26.99 10.41 23.23
C PRO A 112 27.51 9.52 22.08
N ALA A 113 28.35 10.09 21.22
CA ALA A 113 28.95 9.33 20.12
C ALA A 113 29.81 8.17 20.62
N ALA A 114 30.42 8.37 21.80
CA ALA A 114 31.21 7.34 22.47
C ALA A 114 30.38 6.07 22.78
N ASP A 115 29.06 6.23 22.90
CA ASP A 115 28.17 5.10 23.18
C ASP A 115 27.73 4.31 21.93
N PHE A 116 27.96 4.87 20.75
CA PHE A 116 27.50 4.25 19.50
C PHE A 116 28.28 2.97 19.21
N PRO A 117 27.57 1.85 18.97
CA PRO A 117 28.30 0.57 18.84
C PRO A 117 29.01 0.40 17.50
N ASN A 118 30.19 -0.23 17.53
CA ASN A 118 30.93 -0.55 16.32
C ASN A 118 30.88 -2.04 16.01
N LEU A 119 30.88 -2.39 14.73
CA LEU A 119 31.09 -3.79 14.36
C LEU A 119 32.56 -4.12 14.64
N ASP A 120 32.83 -5.38 14.99
CA ASP A 120 34.19 -5.88 15.19
C ASP A 120 35.05 -5.60 13.97
N ASP A 121 36.35 -5.38 14.19
CA ASP A 121 37.27 -5.21 13.08
C ASP A 121 37.48 -6.54 12.36
N TRP A 122 37.74 -6.47 11.05
CA TRP A 122 37.88 -7.69 10.24
C TRP A 122 38.71 -7.41 8.98
N GLN A 123 39.20 -8.47 8.33
CA GLN A 123 40.03 -8.34 7.13
C GLN A 123 39.31 -8.86 5.88
N SER A 124 39.48 -8.13 4.77
CA SER A 124 38.97 -8.56 3.49
C SER A 124 39.80 -9.73 2.94
N GLU A 125 39.13 -10.81 2.53
CA GLU A 125 39.82 -11.96 1.94
C GLU A 125 39.58 -12.07 0.42
N VAL A 126 38.41 -11.62 -0.02
CA VAL A 126 37.98 -11.74 -1.42
C VAL A 126 37.37 -10.43 -1.87
N GLU A 127 37.77 -9.95 -3.04
CA GLU A 127 37.34 -8.63 -3.54
C GLU A 127 37.06 -8.64 -5.03
N PHE A 128 36.02 -7.93 -5.43
CA PHE A 128 35.71 -7.71 -6.83
C PHE A 128 34.80 -6.52 -7.03
N THR A 129 34.73 -6.07 -8.27
CA THR A 129 33.89 -4.97 -8.68
C THR A 129 32.89 -5.52 -9.69
N LEU A 130 31.69 -4.95 -9.69
CA LEU A 130 30.65 -5.33 -10.64
C LEU A 130 29.67 -4.18 -10.85
N PRO A 131 29.02 -4.15 -12.04
CA PRO A 131 28.04 -3.08 -12.24
C PRO A 131 26.85 -3.26 -11.30
N GLN A 132 26.29 -2.15 -10.82
CA GLN A 132 25.04 -2.16 -10.04
C GLN A 132 23.96 -3.02 -10.68
N ALA A 133 23.83 -2.90 -12.00
CA ALA A 133 22.75 -3.58 -12.73
C ALA A 133 22.87 -5.10 -12.61
N THR A 134 24.11 -5.57 -12.46
CA THR A 134 24.40 -6.99 -12.31
C THR A 134 23.96 -7.48 -10.93
N MET A 135 24.28 -6.71 -9.89
CA MET A 135 23.84 -7.04 -8.52
C MET A 135 22.30 -7.02 -8.42
N LYS A 136 21.68 -6.00 -9.01
CA LYS A 136 20.21 -5.93 -9.08
C LYS A 136 19.62 -7.21 -9.71
N ARG A 137 20.14 -7.57 -10.88
CA ARG A 137 19.74 -8.80 -11.59
C ARG A 137 19.88 -10.05 -10.70
N LEU A 138 21.04 -10.19 -10.06
CA LEU A 138 21.33 -11.38 -9.20
C LEU A 138 20.35 -11.54 -8.07
N ILE A 139 20.05 -10.41 -7.42
CA ILE A 139 19.16 -10.40 -6.26
C ILE A 139 17.70 -10.59 -6.66
N GLU A 140 17.22 -9.81 -7.62
CA GLU A 140 15.82 -9.92 -8.04
CA GLU A 140 15.83 -9.91 -8.08
C GLU A 140 15.49 -11.29 -8.65
N ALA A 141 16.49 -11.96 -9.24
CA ALA A 141 16.23 -13.27 -9.86
C ALA A 141 15.97 -14.37 -8.84
N THR A 142 16.41 -14.16 -7.60
CA THR A 142 16.37 -15.23 -6.62
C THR A 142 15.68 -14.90 -5.31
N GLN A 143 15.61 -13.61 -4.96
CA GLN A 143 15.17 -13.18 -3.63
C GLN A 143 13.87 -13.83 -3.12
N PHE A 144 12.88 -13.94 -4.02
CA PHE A 144 11.55 -14.48 -3.68
C PHE A 144 11.59 -15.93 -3.17
N SER A 145 12.66 -16.66 -3.46
CA SER A 145 12.77 -18.07 -3.10
C SER A 145 13.43 -18.37 -1.74
N MET A 146 13.85 -17.33 -1.03
CA MET A 146 14.43 -17.48 0.31
C MET A 146 13.36 -17.96 1.27
N ALA A 147 13.77 -18.71 2.28
CA ALA A 147 12.83 -19.14 3.32
C ALA A 147 12.38 -17.95 4.16
N HIS A 148 11.24 -18.11 4.82
CA HIS A 148 10.72 -17.13 5.76
C HIS A 148 10.67 -17.75 7.16
N GLN A 149 11.58 -17.31 8.03
CA GLN A 149 11.64 -17.79 9.43
C GLN A 149 11.77 -19.31 9.61
N ASP A 150 12.50 -19.97 8.70
CA ASP A 150 12.77 -21.39 8.79
C ASP A 150 13.73 -21.67 9.95
N VAL A 151 13.53 -22.78 10.66
CA VAL A 151 14.46 -23.17 11.75
C VAL A 151 15.87 -23.46 11.23
N ARG A 152 16.00 -23.72 9.93
CA ARG A 152 17.32 -23.71 9.32
C ARG A 152 17.62 -22.28 8.92
N TYR A 153 18.31 -21.56 9.81
CA TYR A 153 18.50 -20.10 9.68
C TYR A 153 19.17 -19.69 8.37
N TYR A 154 20.07 -20.52 7.89
CA TYR A 154 20.84 -20.23 6.69
C TYR A 154 19.95 -20.13 5.44
N LEU A 155 18.80 -20.80 5.47
CA LEU A 155 17.84 -20.76 4.36
C LEU A 155 17.06 -19.44 4.33
N ASN A 156 17.10 -18.71 5.44
CA ASN A 156 16.43 -17.41 5.52
C ASN A 156 17.21 -16.31 4.82
N GLY A 157 18.44 -16.61 4.42
CA GLY A 157 19.30 -15.65 3.72
C GLY A 157 19.53 -16.08 2.29
N MET A 158 20.59 -15.55 1.69
CA MET A 158 20.91 -15.81 0.29
C MET A 158 22.39 -16.15 0.17
N LEU A 159 22.68 -17.26 -0.53
CA LEU A 159 24.03 -17.62 -0.85
C LEU A 159 24.58 -16.70 -1.94
N PHE A 160 25.79 -16.18 -1.71
CA PHE A 160 26.55 -15.48 -2.72
C PHE A 160 27.80 -16.30 -2.96
N GLU A 161 27.96 -16.78 -4.19
CA GLU A 161 29.04 -17.69 -4.55
C GLU A 161 29.88 -17.13 -5.69
N THR A 162 31.21 -17.19 -5.51
CA THR A 162 32.13 -16.90 -6.60
C THR A 162 32.69 -18.22 -7.13
N GLU A 163 32.72 -18.35 -8.45
CA GLU A 163 33.30 -19.51 -9.11
C GLU A 163 33.76 -19.06 -10.49
N GLY A 164 35.03 -19.31 -10.81
CA GLY A 164 35.59 -18.89 -12.10
C GLY A 164 35.64 -17.38 -12.17
N GLU A 165 34.88 -16.82 -13.12
CA GLU A 165 34.67 -15.37 -13.21
C GLU A 165 33.19 -14.98 -12.96
N GLU A 166 32.39 -15.92 -12.43
CA GLU A 166 30.97 -15.68 -12.21
C GLU A 166 30.63 -15.39 -10.75
N LEU A 167 29.71 -14.47 -10.53
CA LEU A 167 29.09 -14.31 -9.22
C LEU A 167 27.70 -14.91 -9.33
N ARG A 168 27.30 -15.63 -8.29
CA ARG A 168 26.09 -16.42 -8.31
C ARG A 168 25.31 -16.21 -7.04
N THR A 169 23.99 -16.09 -7.17
CA THR A 169 23.09 -16.13 -6.00
C THR A 169 22.22 -17.38 -6.02
N VAL A 170 21.97 -17.91 -4.82
CA VAL A 170 21.10 -19.05 -4.65
C VAL A 170 20.19 -18.78 -3.48
N ALA A 171 18.92 -19.09 -3.65
CA ALA A 171 17.94 -18.97 -2.60
C ALA A 171 17.00 -20.16 -2.66
N THR A 172 16.63 -20.69 -1.50
CA THR A 172 15.75 -21.85 -1.45
C THR A 172 15.10 -21.98 -0.07
N ASP A 173 13.88 -22.51 -0.04
CA ASP A 173 13.20 -22.79 1.20
C ASP A 173 12.97 -24.30 1.36
N GLY A 174 13.72 -25.10 0.62
CA GLY A 174 13.53 -26.56 0.62
C GLY A 174 12.50 -27.09 -0.38
N HIS A 175 11.50 -26.28 -0.72
CA HIS A 175 10.44 -26.71 -1.64
C HIS A 175 10.71 -26.24 -3.06
N ARG A 176 11.27 -25.05 -3.17
CA ARG A 176 11.62 -24.48 -4.46
C ARG A 176 12.98 -23.79 -4.32
N LEU A 177 13.67 -23.67 -5.45
CA LEU A 177 14.99 -23.04 -5.47
C LEU A 177 15.12 -22.11 -6.66
N ALA A 178 15.87 -21.03 -6.47
CA ALA A 178 16.28 -20.12 -7.54
C ALA A 178 17.80 -20.00 -7.56
N VAL A 179 18.38 -20.02 -8.76
CA VAL A 179 19.81 -19.76 -8.92
C VAL A 179 20.04 -18.85 -10.12
N CYS A 180 20.93 -17.88 -9.95
CA CYS A 180 21.29 -16.96 -11.03
C CYS A 180 22.79 -16.73 -11.02
N SER A 181 23.42 -16.79 -12.19
CA SER A 181 24.87 -16.63 -12.31
C SER A 181 25.12 -15.55 -13.36
N MET A 182 26.07 -14.66 -13.05
CA MET A 182 26.40 -13.57 -13.96
C MET A 182 27.93 -13.41 -14.05
N PRO A 183 28.45 -13.19 -15.27
CA PRO A 183 29.88 -12.93 -15.48
C PRO A 183 30.27 -11.55 -14.97
N ILE A 184 31.42 -11.46 -14.31
CA ILE A 184 31.89 -10.15 -13.86
C ILE A 184 33.30 -9.79 -14.35
N GLY A 185 33.86 -10.63 -15.21
CA GLY A 185 35.11 -10.33 -15.93
C GLY A 185 36.36 -10.23 -15.08
N GLN A 186 36.41 -11.00 -14.00
CA GLN A 186 37.55 -11.01 -13.10
C GLN A 186 37.75 -12.42 -12.59
N SER A 187 38.99 -12.89 -12.60
CA SER A 187 39.34 -14.17 -12.00
C SER A 187 39.03 -14.13 -10.50
N LEU A 188 38.07 -14.95 -10.07
CA LEU A 188 37.68 -15.01 -8.66
C LEU A 188 38.07 -16.34 -8.03
N PRO A 189 38.33 -16.33 -6.71
CA PRO A 189 38.49 -17.62 -6.03
C PRO A 189 37.14 -18.30 -5.90
N SER A 190 37.16 -19.61 -5.60
CA SER A 190 35.91 -20.33 -5.35
C SER A 190 35.55 -20.13 -3.88
N HIS A 191 34.45 -19.43 -3.64
CA HIS A 191 34.06 -19.06 -2.29
C HIS A 191 32.56 -18.86 -2.20
N SER A 192 32.01 -19.13 -1.02
CA SER A 192 30.57 -18.99 -0.77
C SER A 192 30.32 -18.38 0.60
N VAL A 193 29.41 -17.42 0.66
CA VAL A 193 28.94 -16.84 1.92
C VAL A 193 27.42 -16.72 1.90
N ILE A 194 26.81 -16.67 3.08
CA ILE A 194 25.37 -16.51 3.20
C ILE A 194 25.08 -15.14 3.83
N VAL A 195 24.39 -14.30 3.07
CA VAL A 195 23.98 -12.97 3.50
C VAL A 195 22.59 -13.08 4.12
N PRO A 196 22.41 -12.54 5.35
CA PRO A 196 21.09 -12.64 5.98
C PRO A 196 20.02 -11.82 5.24
N ARG A 197 18.76 -12.17 5.46
CA ARG A 197 17.63 -11.53 4.75
C ARG A 197 17.72 -10.00 4.72
N LYS A 198 17.94 -9.40 5.89
CA LYS A 198 17.99 -7.95 6.03
C LYS A 198 19.15 -7.32 5.26
N GLY A 199 20.27 -8.03 5.19
CA GLY A 199 21.43 -7.60 4.42
C GLY A 199 21.13 -7.59 2.93
N VAL A 200 20.42 -8.62 2.45
CA VAL A 200 20.03 -8.68 1.03
C VAL A 200 19.13 -7.50 0.69
N ILE A 201 18.17 -7.21 1.57
CA ILE A 201 17.26 -6.08 1.38
C ILE A 201 18.04 -4.75 1.23
N GLU A 202 19.05 -4.56 2.08
CA GLU A 202 19.86 -3.33 2.05
C GLU A 202 20.78 -3.24 0.85
N LEU A 203 21.38 -4.38 0.49
CA LEU A 203 22.21 -4.50 -0.70
C LEU A 203 21.41 -3.99 -1.88
N MET A 204 20.16 -4.43 -1.97
CA MET A 204 19.25 -4.00 -3.03
C MET A 204 18.91 -2.51 -2.94
N ARG A 205 18.59 -2.04 -1.74
CA ARG A 205 18.21 -0.64 -1.51
C ARG A 205 19.28 0.38 -1.90
N MET A 206 20.54 0.00 -1.74
CA MET A 206 21.66 0.89 -2.05
C MET A 206 21.94 1.07 -3.54
N LEU A 207 21.29 0.28 -4.39
CA LEU A 207 21.49 0.40 -5.84
C LEU A 207 20.57 1.46 -6.43
N ASP A 208 21.11 2.65 -6.70
CA ASP A 208 20.30 3.78 -7.14
C ASP A 208 19.96 3.75 -8.64
N GLY A 209 20.62 2.87 -9.38
CA GLY A 209 20.33 2.67 -10.79
C GLY A 209 21.19 3.47 -11.75
N GLY A 210 22.12 4.25 -11.20
CA GLY A 210 23.06 5.03 -12.02
C GLY A 210 24.24 4.19 -12.48
N ASP A 211 25.33 4.88 -12.83
CA ASP A 211 26.52 4.21 -13.38
C ASP A 211 27.65 3.96 -12.38
N ASN A 212 27.42 4.28 -11.10
CA ASN A 212 28.40 3.98 -10.06
C ASN A 212 28.59 2.46 -9.91
N PRO A 213 29.82 1.96 -10.12
CA PRO A 213 30.03 0.52 -9.94
C PRO A 213 30.00 0.14 -8.46
N LEU A 214 29.80 -1.15 -8.19
CA LEU A 214 29.80 -1.67 -6.84
C LEU A 214 31.12 -2.38 -6.54
N ARG A 215 31.70 -2.09 -5.38
CA ARG A 215 32.90 -2.80 -4.94
C ARG A 215 32.56 -3.65 -3.73
N VAL A 216 32.85 -4.95 -3.84
CA VAL A 216 32.49 -5.92 -2.81
C VAL A 216 33.75 -6.47 -2.13
N GLN A 217 33.74 -6.46 -0.81
CA GLN A 217 34.80 -7.08 -0.04
C GLN A 217 34.18 -8.11 0.88
N ILE A 218 34.71 -9.33 0.84
CA ILE A 218 34.21 -10.43 1.64
C ILE A 218 35.27 -10.91 2.62
N GLY A 219 34.91 -10.94 3.90
CA GLY A 219 35.75 -11.52 4.94
C GLY A 219 35.17 -12.84 5.45
N SER A 220 35.80 -13.42 6.46
CA SER A 220 35.36 -14.72 6.98
C SER A 220 33.97 -14.63 7.60
N ASN A 221 33.61 -13.44 8.11
CA ASN A 221 32.36 -13.25 8.82
C ASN A 221 31.59 -11.99 8.44
N ASN A 222 32.06 -11.29 7.41
CA ASN A 222 31.40 -10.07 6.97
C ASN A 222 31.40 -9.92 5.46
N ILE A 223 30.42 -9.16 4.97
CA ILE A 223 30.43 -8.68 3.60
C ILE A 223 30.34 -7.15 3.61
N ARG A 224 31.07 -6.50 2.71
CA ARG A 224 31.01 -5.06 2.56
C ARG A 224 30.78 -4.70 1.10
N ALA A 225 29.91 -3.74 0.86
CA ALA A 225 29.64 -3.20 -0.47
C ALA A 225 29.82 -1.69 -0.49
N HIS A 226 30.64 -1.19 -1.42
CA HIS A 226 30.85 0.25 -1.62
C HIS A 226 30.18 0.67 -2.93
N VAL A 227 29.27 1.63 -2.86
CA VAL A 227 28.73 2.29 -4.05
C VAL A 227 28.66 3.78 -3.79
N GLY A 228 29.25 4.57 -4.70
CA GLY A 228 29.29 6.03 -4.54
C GLY A 228 29.94 6.37 -3.23
N ASP A 229 29.27 7.20 -2.44
CA ASP A 229 29.78 7.62 -1.13
C ASP A 229 29.07 6.91 0.03
N PHE A 230 28.70 5.65 -0.20
CA PHE A 230 27.99 4.80 0.78
C PHE A 230 28.76 3.49 0.98
N ILE A 231 28.87 3.06 2.24
CA ILE A 231 29.48 1.79 2.57
C ILE A 231 28.52 0.99 3.47
N PHE A 232 28.14 -0.19 2.98
CA PHE A 232 27.28 -1.09 3.74
C PHE A 232 28.07 -2.32 4.17
N THR A 233 27.92 -2.70 5.45
CA THR A 233 28.60 -3.88 5.98
C THR A 233 27.60 -4.76 6.73
N SER A 234 27.64 -6.06 6.45
CA SER A 234 26.77 -7.01 7.14
C SER A 234 27.56 -8.18 7.72
N LYS A 235 27.10 -8.70 8.84
CA LYS A 235 27.57 -10.00 9.31
C LYS A 235 27.06 -11.06 8.34
N LEU A 236 27.72 -12.20 8.33
CA LEU A 236 27.32 -13.31 7.49
C LEU A 236 26.58 -14.35 8.33
N VAL A 237 25.97 -15.30 7.65
CA VAL A 237 25.24 -16.38 8.33
C VAL A 237 26.08 -17.64 8.21
N ASP A 238 26.33 -18.29 9.35
CA ASP A 238 27.04 -19.57 9.34
CA ASP A 238 27.03 -19.58 9.38
C ASP A 238 26.03 -20.68 9.05
N GLY A 239 26.53 -21.80 8.54
CA GLY A 239 25.68 -22.93 8.21
C GLY A 239 26.01 -23.55 6.85
N ARG A 240 25.40 -24.70 6.58
CA ARG A 240 25.67 -25.48 5.39
C ARG A 240 24.57 -25.25 4.35
N PHE A 241 24.77 -24.26 3.50
CA PHE A 241 23.78 -23.98 2.46
C PHE A 241 23.76 -25.09 1.41
N PRO A 242 22.57 -25.59 1.05
CA PRO A 242 22.48 -26.68 0.05
C PRO A 242 23.15 -26.35 -1.29
N ASP A 243 23.60 -27.39 -1.98
CA ASP A 243 24.28 -27.25 -3.26
C ASP A 243 23.27 -27.36 -4.40
N TYR A 244 23.08 -26.24 -5.12
CA TYR A 244 22.10 -26.18 -6.21
C TYR A 244 22.38 -27.24 -7.31
N ARG A 245 23.65 -27.59 -7.50
CA ARG A 245 24.05 -28.58 -8.49
CA ARG A 245 24.05 -28.59 -8.50
C ARG A 245 23.43 -29.95 -8.22
N ARG A 246 23.10 -30.21 -6.95
CA ARG A 246 22.47 -31.46 -6.54
C ARG A 246 20.94 -31.37 -6.64
N VAL A 247 20.43 -30.18 -6.93
CA VAL A 247 18.99 -29.94 -6.98
C VAL A 247 18.49 -29.83 -8.42
N LEU A 248 19.33 -29.33 -9.32
CA LEU A 248 18.97 -29.30 -10.74
C LEU A 248 18.78 -30.74 -11.23
N PRO A 249 17.61 -31.05 -11.83
CA PRO A 249 17.38 -32.39 -12.37
C PRO A 249 18.53 -32.83 -13.26
N LYS A 250 18.98 -34.07 -13.11
CA LYS A 250 20.14 -34.58 -13.85
C LYS A 250 19.93 -34.62 -15.37
N ASN A 251 18.72 -34.93 -15.80
CA ASN A 251 18.40 -35.00 -17.22
C ASN A 251 16.91 -34.76 -17.49
N PRO A 252 16.47 -33.49 -17.35
CA PRO A 252 15.07 -33.14 -17.56
C PRO A 252 14.77 -32.93 -19.05
N ASP A 253 14.82 -34.03 -19.81
CA ASP A 253 14.83 -33.96 -21.27
C ASP A 253 13.46 -33.76 -21.98
N LYS A 254 12.37 -33.69 -21.21
CA LYS A 254 11.06 -33.30 -21.77
C LYS A 254 10.98 -31.78 -21.70
N HIS A 255 11.10 -31.11 -22.85
CA HIS A 255 11.13 -29.64 -22.87
C HIS A 255 9.81 -29.06 -23.41
N LEU A 256 9.21 -28.17 -22.63
CA LEU A 256 7.99 -27.46 -23.02
C LEU A 256 8.28 -25.97 -23.12
N GLU A 257 7.84 -25.34 -24.20
CA GLU A 257 7.95 -23.89 -24.32
C GLU A 257 6.60 -23.24 -24.52
N ALA A 258 6.37 -22.13 -23.82
CA ALA A 258 5.10 -21.42 -23.85
C ALA A 258 5.34 -19.95 -23.56
N GLY A 259 4.38 -19.11 -23.94
CA GLY A 259 4.43 -17.69 -23.61
C GLY A 259 4.38 -17.51 -22.10
N CYS A 260 5.27 -16.67 -21.57
CA CYS A 260 5.36 -16.49 -20.12
C CYS A 260 4.09 -15.93 -19.51
N ASP A 261 3.58 -14.84 -20.09
CA ASP A 261 2.39 -14.20 -19.53
C ASP A 261 1.13 -15.03 -19.79
N LEU A 262 1.08 -15.71 -20.93
CA LEU A 262 -0.05 -16.61 -21.23
C LEU A 262 -0.11 -17.71 -20.19
N LEU A 263 1.02 -18.36 -19.95
CA LEU A 263 1.13 -19.42 -18.95
C LEU A 263 0.80 -18.91 -17.55
N LYS A 264 1.36 -17.75 -17.20
CA LYS A 264 1.12 -17.15 -15.88
C LYS A 264 -0.37 -16.92 -15.62
N GLN A 265 -1.04 -16.30 -16.58
CA GLN A 265 -2.43 -15.94 -16.40
C GLN A 265 -3.35 -17.15 -16.33
N ALA A 266 -2.97 -18.22 -17.03
CA ALA A 266 -3.72 -19.50 -16.95
C ALA A 266 -3.56 -20.14 -15.57
N PHE A 267 -2.33 -20.14 -15.05
CA PHE A 267 -2.13 -20.69 -13.71
C PHE A 267 -2.87 -19.84 -12.68
N ALA A 268 -2.84 -18.52 -12.85
CA ALA A 268 -3.48 -17.59 -11.93
C ALA A 268 -4.99 -17.80 -11.84
N ARG A 269 -5.65 -17.99 -12.99
CA ARG A 269 -7.08 -18.31 -13.01
C ARG A 269 -7.38 -19.68 -12.37
N ALA A 270 -6.61 -20.70 -12.73
CA ALA A 270 -6.77 -22.04 -12.16
C ALA A 270 -6.60 -22.02 -10.64
N ALA A 271 -5.64 -21.22 -10.17
CA ALA A 271 -5.34 -21.05 -8.74
C ALA A 271 -6.54 -20.63 -7.90
N ILE A 272 -7.45 -19.85 -8.49
CA ILE A 272 -8.65 -19.38 -7.79
C ILE A 272 -9.46 -20.56 -7.23
N LEU A 273 -9.47 -21.67 -7.95
CA LEU A 273 -10.25 -22.83 -7.52
C LEU A 273 -9.39 -23.98 -6.98
N SER A 274 -8.17 -23.64 -6.57
CA SER A 274 -7.30 -24.60 -5.88
C SER A 274 -7.53 -24.54 -4.36
N ASN A 275 -7.08 -25.58 -3.68
CA ASN A 275 -7.10 -25.62 -2.21
C ASN A 275 -6.42 -24.38 -1.66
N GLU A 276 -7.09 -23.72 -0.71
CA GLU A 276 -6.61 -22.44 -0.19
C GLU A 276 -5.31 -22.56 0.60
N LYS A 277 -5.12 -23.69 1.28
CA LYS A 277 -3.88 -23.92 2.03
C LYS A 277 -2.81 -24.64 1.20
N PHE A 278 -3.19 -25.75 0.55
CA PHE A 278 -2.25 -26.59 -0.21
C PHE A 278 -1.97 -26.13 -1.66
N ARG A 279 -2.91 -25.40 -2.26
CA ARG A 279 -2.70 -24.75 -3.58
C ARG A 279 -2.32 -25.66 -4.77
N GLY A 280 -2.72 -26.93 -4.70
CA GLY A 280 -2.36 -27.88 -5.75
C GLY A 280 -3.06 -27.70 -7.08
N VAL A 281 -2.28 -27.72 -8.17
CA VAL A 281 -2.84 -27.77 -9.52
C VAL A 281 -2.20 -28.96 -10.25
N ARG A 282 -2.87 -29.45 -11.28
CA ARG A 282 -2.39 -30.59 -12.07
CA ARG A 282 -2.36 -30.57 -12.06
C ARG A 282 -2.10 -30.17 -13.50
N LEU A 283 -0.97 -30.63 -14.04
CA LEU A 283 -0.56 -30.37 -15.42
C LEU A 283 -0.63 -31.66 -16.23
N TYR A 284 -1.24 -31.58 -17.41
CA TYR A 284 -1.29 -32.69 -18.35
C TYR A 284 -0.57 -32.23 -19.61
N VAL A 285 0.59 -32.81 -19.86
CA VAL A 285 1.40 -32.44 -21.01
C VAL A 285 1.21 -33.45 -22.15
N SER A 286 0.95 -32.94 -23.34
CA SER A 286 0.81 -33.78 -24.53
C SER A 286 1.28 -33.00 -25.74
N GLU A 287 1.27 -33.63 -26.91
CA GLU A 287 1.79 -33.02 -28.13
CA GLU A 287 1.81 -33.01 -28.13
C GLU A 287 1.26 -31.60 -28.31
N ASN A 288 2.17 -30.63 -28.21
CA ASN A 288 1.88 -29.20 -28.37
C ASN A 288 0.68 -28.68 -27.58
N GLN A 289 0.43 -29.29 -26.42
CA GLN A 289 -0.71 -28.90 -25.59
C GLN A 289 -0.43 -29.07 -24.11
N LEU A 290 -0.84 -28.08 -23.33
CA LEU A 290 -0.84 -28.20 -21.87
C LEU A 290 -2.25 -27.93 -21.35
N LYS A 291 -2.71 -28.81 -20.44
CA LYS A 291 -3.94 -28.60 -19.73
C LYS A 291 -3.62 -28.45 -18.25
N ILE A 292 -4.14 -27.39 -17.64
CA ILE A 292 -4.00 -27.16 -16.21
C ILE A 292 -5.36 -27.36 -15.56
N THR A 293 -5.42 -28.14 -14.49
CA THR A 293 -6.68 -28.29 -13.75
C THR A 293 -6.50 -27.97 -12.27
N ALA A 294 -7.59 -27.54 -11.66
CA ALA A 294 -7.62 -27.30 -10.23
C ALA A 294 -8.99 -27.65 -9.68
N ASN A 295 -8.99 -28.20 -8.45
CA ASN A 295 -10.24 -28.37 -7.72
C ASN A 295 -10.01 -28.19 -6.24
N ASN A 296 -11.09 -27.94 -5.51
CA ASN A 296 -11.01 -27.62 -4.09
C ASN A 296 -11.97 -28.52 -3.30
N PRO A 297 -11.91 -28.48 -1.96
CA PRO A 297 -12.80 -29.35 -1.19
C PRO A 297 -14.29 -29.16 -1.52
N GLU A 298 -14.68 -27.95 -1.90
CA GLU A 298 -16.07 -27.64 -2.26
C GLU A 298 -16.47 -28.18 -3.65
N GLN A 299 -15.60 -28.99 -4.26
CA GLN A 299 -15.81 -29.60 -5.60
C GLN A 299 -15.98 -28.58 -6.74
N GLU A 300 -15.49 -27.37 -6.54
CA GLU A 300 -15.38 -26.41 -7.64
C GLU A 300 -14.17 -26.79 -8.49
N GLU A 301 -14.22 -26.52 -9.79
CA GLU A 301 -13.15 -26.97 -10.70
C GLU A 301 -12.78 -25.91 -11.74
N ALA A 302 -11.49 -25.80 -12.01
CA ALA A 302 -11.02 -24.99 -13.14
C ALA A 302 -10.30 -25.86 -14.14
N GLU A 303 -10.37 -25.46 -15.40
CA GLU A 303 -9.59 -26.11 -16.44
C GLU A 303 -9.12 -25.06 -17.43
N GLU A 304 -7.82 -25.07 -17.70
CA GLU A 304 -7.21 -24.22 -18.71
C GLU A 304 -6.51 -25.09 -19.76
N ILE A 305 -6.69 -24.76 -21.03
CA ILE A 305 -5.98 -25.45 -22.10
C ILE A 305 -5.24 -24.41 -22.93
N LEU A 306 -3.95 -24.65 -23.16
CA LEU A 306 -3.09 -23.71 -23.86
C LEU A 306 -2.34 -24.46 -24.94
N ASP A 307 -2.08 -23.78 -26.05
CA ASP A 307 -1.14 -24.29 -27.04
C ASP A 307 0.30 -24.03 -26.56
N VAL A 308 1.14 -25.05 -26.65
CA VAL A 308 2.56 -24.91 -26.31
C VAL A 308 3.41 -25.67 -27.33
N THR A 309 4.72 -25.53 -27.24
CA THR A 309 5.62 -26.37 -28.02
C THR A 309 6.12 -27.51 -27.14
N TYR A 310 5.69 -28.71 -27.51
CA TYR A 310 6.08 -29.92 -26.78
C TYR A 310 6.01 -31.16 -27.69
N SER A 311 7.16 -31.83 -27.83
CA SER A 311 7.29 -33.01 -28.68
C SER A 311 7.59 -34.30 -27.89
N GLY A 312 7.78 -34.17 -26.59
CA GLY A 312 8.10 -35.33 -25.75
C GLY A 312 6.92 -36.23 -25.47
N ALA A 313 7.12 -37.23 -24.61
CA ALA A 313 6.07 -38.17 -24.23
C ALA A 313 5.07 -37.51 -23.29
N GLU A 314 3.85 -38.03 -23.25
CA GLU A 314 2.81 -37.48 -22.38
C GLU A 314 3.13 -37.78 -20.92
N MET A 315 2.75 -36.85 -20.04
CA MET A 315 2.87 -37.06 -18.61
C MET A 315 1.97 -36.08 -17.87
N GLU A 316 1.67 -36.42 -16.62
CA GLU A 316 0.98 -35.50 -15.73
C GLU A 316 1.84 -35.28 -14.49
N ILE A 317 1.66 -34.11 -13.88
CA ILE A 317 2.42 -33.74 -12.70
C ILE A 317 1.64 -32.69 -11.90
N GLY A 318 1.73 -32.76 -10.58
CA GLY A 318 1.06 -31.81 -9.69
C GLY A 318 2.03 -30.83 -9.04
N PHE A 319 1.59 -29.58 -8.86
CA PHE A 319 2.42 -28.53 -8.26
C PHE A 319 1.64 -27.60 -7.37
N ASN A 320 2.29 -27.09 -6.33
CA ASN A 320 1.82 -25.90 -5.63
C ASN A 320 1.85 -24.73 -6.61
N VAL A 321 0.67 -24.21 -6.94
CA VAL A 321 0.58 -23.17 -7.98
C VAL A 321 1.27 -21.85 -7.59
N SER A 322 1.30 -21.51 -6.29
CA SER A 322 1.98 -20.28 -5.85
CA SER A 322 1.98 -20.30 -5.85
C SER A 322 3.47 -20.32 -6.21
N TYR A 323 4.10 -21.49 -6.07
CA TYR A 323 5.51 -21.64 -6.42
C TYR A 323 5.75 -21.42 -7.92
N VAL A 324 4.86 -21.95 -8.75
CA VAL A 324 4.99 -21.75 -10.19
C VAL A 324 4.76 -20.29 -10.54
N LEU A 325 3.74 -19.68 -9.95
CA LEU A 325 3.44 -18.26 -10.23
C LEU A 325 4.61 -17.35 -9.83
N ASP A 326 5.20 -17.62 -8.67
CA ASP A 326 6.38 -16.89 -8.21
C ASP A 326 7.49 -16.89 -9.25
N VAL A 327 7.78 -18.06 -9.80
CA VAL A 327 8.79 -18.21 -10.84
C VAL A 327 8.43 -17.39 -12.09
N LEU A 328 7.21 -17.57 -12.60
CA LEU A 328 6.79 -16.89 -13.83
C LEU A 328 6.79 -15.35 -13.68
N ASN A 329 6.45 -14.89 -12.48
CA ASN A 329 6.51 -13.46 -12.16
C ASN A 329 7.93 -12.93 -12.05
N ALA A 330 8.85 -13.80 -11.63
CA ALA A 330 10.25 -13.45 -11.53
C ALA A 330 10.91 -13.49 -12.91
N LEU A 331 10.42 -14.37 -13.79
CA LEU A 331 10.89 -14.39 -15.17
C LEU A 331 10.24 -13.24 -15.94
N LYS A 332 11.02 -12.18 -16.16
CA LYS A 332 10.50 -11.02 -16.88
C LYS A 332 10.82 -11.16 -18.35
N CYS A 333 10.13 -12.08 -19.00
CA CYS A 333 10.49 -12.45 -20.37
C CYS A 333 9.29 -12.88 -21.23
N GLU A 334 9.58 -13.14 -22.50
CA GLU A 334 8.54 -13.48 -23.48
C GLU A 334 8.14 -14.96 -23.44
N ASN A 335 9.11 -15.86 -23.46
CA ASN A 335 8.88 -17.31 -23.48
C ASN A 335 9.61 -18.06 -22.36
N VAL A 336 8.93 -19.06 -21.81
CA VAL A 336 9.50 -19.87 -20.74
C VAL A 336 9.72 -21.30 -21.24
N ARG A 337 10.76 -21.94 -20.74
CA ARG A 337 10.97 -23.37 -20.96
C ARG A 337 10.77 -24.12 -19.65
N MET A 338 9.91 -25.14 -19.70
CA MET A 338 9.72 -26.04 -18.59
C MET A 338 10.37 -27.38 -18.93
N MET A 339 11.23 -27.86 -18.05
CA MET A 339 12.04 -29.04 -18.30
C MET A 339 11.65 -30.14 -17.32
N LEU A 340 11.03 -31.19 -17.84
CA LEU A 340 10.43 -32.21 -16.99
C LEU A 340 11.15 -33.54 -17.00
N THR A 341 10.91 -34.33 -15.96
CA THR A 341 11.52 -35.64 -15.82
C THR A 341 10.43 -36.72 -15.74
N ASP A 342 9.68 -36.74 -14.63
CA ASP A 342 8.52 -37.61 -14.51
C ASP A 342 7.55 -37.03 -13.48
N SER A 343 6.48 -37.76 -13.18
CA SER A 343 5.39 -37.27 -12.32
C SER A 343 5.79 -37.11 -10.85
N VAL A 344 6.92 -37.67 -10.46
CA VAL A 344 7.34 -37.68 -9.06
C VAL A 344 8.69 -36.97 -8.87
N SER A 345 9.11 -36.21 -9.87
CA SER A 345 10.37 -35.48 -9.80
C SER A 345 10.17 -33.98 -9.99
N SER A 346 11.15 -33.20 -9.55
CA SER A 346 11.06 -31.74 -9.67
C SER A 346 11.06 -31.28 -11.14
N VAL A 347 10.59 -30.05 -11.37
CA VAL A 347 10.63 -29.39 -12.69
C VAL A 347 11.67 -28.27 -12.63
N GLN A 348 12.36 -28.05 -13.75
CA GLN A 348 13.26 -26.94 -13.90
C GLN A 348 12.59 -25.97 -14.86
N ILE A 349 12.64 -24.68 -14.53
CA ILE A 349 12.00 -23.63 -15.33
C ILE A 349 13.02 -22.54 -15.63
N GLU A 350 13.06 -22.09 -16.89
CA GLU A 350 13.95 -21.00 -17.29
C GLU A 350 13.31 -20.11 -18.34
N ASP A 351 13.85 -18.90 -18.48
CA ASP A 351 13.63 -18.07 -19.66
C ASP A 351 14.08 -18.90 -20.86
N ALA A 352 13.20 -19.08 -21.87
CA ALA A 352 13.57 -19.84 -23.07
C ALA A 352 14.79 -19.24 -23.80
N ALA A 353 15.04 -17.96 -23.60
CA ALA A 353 16.11 -17.27 -24.32
C ALA A 353 17.37 -17.01 -23.47
N SER A 354 17.34 -17.38 -22.19
CA SER A 354 18.53 -17.25 -21.36
C SER A 354 18.70 -18.34 -20.32
N GLN A 355 19.94 -18.80 -20.17
CA GLN A 355 20.26 -19.81 -19.17
C GLN A 355 20.82 -19.21 -17.88
N SER A 356 20.84 -17.87 -17.78
CA SER A 356 21.42 -17.13 -16.65
CA SER A 356 21.46 -17.18 -16.65
C SER A 356 20.78 -17.43 -15.31
N ALA A 357 19.47 -17.71 -15.31
CA ALA A 357 18.78 -18.10 -14.09
C ALA A 357 18.02 -19.40 -14.30
N ALA A 358 17.92 -20.19 -13.24
CA ALA A 358 17.12 -21.38 -13.28
C ALA A 358 16.34 -21.54 -11.98
N TYR A 359 15.20 -22.21 -12.10
CA TYR A 359 14.25 -22.38 -11.00
C TYR A 359 13.87 -23.84 -10.91
N VAL A 360 13.84 -24.36 -9.68
CA VAL A 360 13.49 -25.76 -9.48
C VAL A 360 12.33 -25.83 -8.49
N VAL A 361 11.27 -26.54 -8.87
CA VAL A 361 10.08 -26.68 -8.03
C VAL A 361 9.81 -28.16 -7.81
N MET A 362 9.64 -28.57 -6.55
CA MET A 362 9.27 -29.94 -6.21
C MET A 362 7.82 -30.22 -6.58
N PRO A 363 7.52 -31.47 -7.01
CA PRO A 363 6.14 -31.79 -7.37
C PRO A 363 5.30 -32.06 -6.11
N MET A 364 3.98 -32.05 -6.28
CA MET A 364 3.04 -32.43 -5.25
C MET A 364 2.43 -33.81 -5.55
N ARG A 365 2.20 -34.61 -4.52
CA ARG A 365 1.49 -35.89 -4.70
C ARG A 365 0.01 -35.67 -4.96
N MET B 1 -30.85 -20.73 -16.47
CA MET B 1 -30.29 -19.36 -16.52
C MET B 1 -29.03 -19.37 -17.37
N LYS B 2 -28.99 -18.48 -18.36
CA LYS B 2 -27.94 -18.44 -19.35
C LYS B 2 -27.70 -17.01 -19.81
N PHE B 3 -26.44 -16.62 -19.90
CA PHE B 3 -26.07 -15.32 -20.46
C PHE B 3 -24.62 -15.30 -20.92
N THR B 4 -24.34 -14.46 -21.91
CA THR B 4 -22.99 -14.28 -22.44
C THR B 4 -22.74 -12.78 -22.53
N VAL B 5 -21.71 -12.30 -21.81
CA VAL B 5 -21.43 -10.86 -21.66
CA VAL B 5 -21.41 -10.87 -21.73
C VAL B 5 -19.92 -10.61 -21.80
N GLU B 6 -19.56 -9.44 -22.31
CA GLU B 6 -18.16 -9.00 -22.35
C GLU B 6 -17.64 -8.84 -20.94
N ARG B 7 -16.38 -9.26 -20.73
CA ARG B 7 -15.71 -9.12 -19.44
C ARG B 7 -15.92 -7.74 -18.80
N GLU B 8 -15.65 -6.68 -19.55
CA GLU B 8 -15.65 -5.32 -18.96
C GLU B 8 -17.04 -4.86 -18.54
N HIS B 9 -18.08 -5.41 -19.16
CA HIS B 9 -19.45 -5.06 -18.81
C HIS B 9 -19.89 -5.71 -17.49
N LEU B 10 -19.06 -6.62 -17.00
CA LEU B 10 -19.29 -7.28 -15.72
C LEU B 10 -18.42 -6.70 -14.61
N LEU B 11 -17.25 -6.19 -14.96
CA LEU B 11 -16.26 -5.80 -13.94
C LEU B 11 -16.69 -4.64 -13.05
N LYS B 12 -17.18 -3.56 -13.66
CA LYS B 12 -17.66 -2.44 -12.85
C LYS B 12 -18.83 -2.86 -11.97
N PRO B 13 -19.89 -3.49 -12.56
CA PRO B 13 -20.96 -4.00 -11.70
C PRO B 13 -20.44 -4.92 -10.58
N LEU B 14 -19.52 -5.83 -10.91
CA LEU B 14 -18.95 -6.73 -9.92
C LEU B 14 -18.25 -6.01 -8.78
N GLN B 15 -17.42 -5.02 -9.11
CA GLN B 15 -16.76 -4.19 -8.11
C GLN B 15 -17.79 -3.51 -7.19
N GLN B 16 -18.88 -2.98 -7.77
CA GLN B 16 -19.91 -2.31 -6.98
C GLN B 16 -20.69 -3.21 -6.05
N VAL B 17 -21.00 -4.44 -6.49
CA VAL B 17 -21.80 -5.34 -5.66
C VAL B 17 -20.98 -6.12 -4.62
N SER B 18 -19.65 -6.14 -4.79
CA SER B 18 -18.72 -6.73 -3.83
C SER B 18 -18.53 -5.85 -2.59
N LEU B 27 -22.51 -15.74 7.79
CA LEU B 27 -23.37 -16.53 6.93
C LEU B 27 -22.89 -16.51 5.48
N PRO B 28 -22.64 -17.71 4.88
CA PRO B 28 -22.10 -17.91 3.54
C PRO B 28 -22.81 -17.22 2.37
N ILE B 29 -24.14 -17.17 2.41
CA ILE B 29 -24.87 -16.56 1.29
C ILE B 29 -24.56 -15.06 1.15
N LEU B 30 -24.13 -14.45 2.25
CA LEU B 30 -23.72 -13.04 2.24
C LEU B 30 -22.44 -12.86 1.45
N GLY B 31 -21.73 -13.96 1.25
CA GLY B 31 -20.50 -13.97 0.46
C GLY B 31 -20.76 -14.27 -0.99
N ASN B 32 -22.02 -14.53 -1.31
CA ASN B 32 -22.45 -14.74 -2.69
C ASN B 32 -23.09 -13.51 -3.29
N LEU B 33 -23.10 -13.45 -4.62
CA LEU B 33 -23.92 -12.50 -5.36
C LEU B 33 -25.15 -13.19 -5.95
N LEU B 34 -26.29 -12.52 -5.82
CA LEU B 34 -27.50 -12.95 -6.50
C LEU B 34 -27.40 -12.53 -7.95
N LEU B 35 -27.51 -13.50 -8.85
CA LEU B 35 -27.58 -13.21 -10.29
C LEU B 35 -29.01 -13.51 -10.80
N GLN B 36 -29.59 -12.55 -11.51
CA GLN B 36 -30.93 -12.74 -12.08
C GLN B 36 -30.93 -12.31 -13.54
N VAL B 37 -31.39 -13.21 -14.41
CA VAL B 37 -31.63 -12.87 -15.80
C VAL B 37 -33.14 -12.72 -15.98
N ALA B 38 -33.57 -11.51 -16.33
CA ALA B 38 -34.99 -11.21 -16.57
C ALA B 38 -35.16 -10.08 -17.58
N ASP B 39 -36.17 -10.19 -18.44
CA ASP B 39 -36.53 -9.14 -19.40
C ASP B 39 -35.33 -8.38 -20.01
N GLY B 40 -34.42 -9.13 -20.63
CA GLY B 40 -33.26 -8.55 -21.32
C GLY B 40 -32.15 -8.00 -20.44
N THR B 41 -32.19 -8.32 -19.14
CA THR B 41 -31.28 -7.71 -18.16
C THR B 41 -30.70 -8.73 -17.18
N LEU B 42 -29.39 -8.64 -16.96
CA LEU B 42 -28.74 -9.32 -15.84
C LEU B 42 -28.67 -8.35 -14.66
N SER B 43 -29.24 -8.76 -13.53
CA SER B 43 -29.07 -8.02 -12.28
C SER B 43 -28.11 -8.77 -11.36
N LEU B 44 -27.25 -8.01 -10.67
CA LEU B 44 -26.33 -8.58 -9.69
C LEU B 44 -26.56 -7.87 -8.36
N THR B 45 -26.77 -8.64 -7.29
CA THR B 45 -27.00 -8.05 -5.98
C THR B 45 -26.01 -8.59 -4.95
N GLY B 46 -25.42 -7.66 -4.21
CA GLY B 46 -24.64 -7.96 -3.01
C GLY B 46 -25.29 -7.35 -1.78
N THR B 47 -25.14 -8.01 -0.63
CA THR B 47 -25.71 -7.50 0.62
C THR B 47 -24.94 -8.00 1.84
N ASP B 48 -24.98 -7.20 2.90
CA ASP B 48 -24.47 -7.62 4.21
C ASP B 48 -25.58 -7.56 5.27
N LEU B 49 -26.82 -7.49 4.81
CA LEU B 49 -28.02 -7.34 5.66
C LEU B 49 -28.28 -5.92 6.18
N GLU B 50 -27.24 -5.10 6.22
CA GLU B 50 -27.36 -3.69 6.62
C GLU B 50 -27.59 -2.81 5.38
N MET B 51 -26.93 -3.18 4.30
CA MET B 51 -27.02 -2.46 3.03
C MET B 51 -26.89 -3.41 1.86
N GLU B 52 -27.30 -2.94 0.70
CA GLU B 52 -27.42 -3.77 -0.47
C GLU B 52 -27.06 -2.94 -1.69
N MET B 53 -26.37 -3.56 -2.65
CA MET B 53 -26.13 -2.93 -3.94
C MET B 53 -26.68 -3.80 -5.07
N VAL B 54 -27.43 -3.17 -5.98
CA VAL B 54 -27.96 -3.85 -7.16
C VAL B 54 -27.40 -3.19 -8.42
N ALA B 55 -26.83 -3.98 -9.31
CA ALA B 55 -26.26 -3.48 -10.55
C ALA B 55 -26.94 -4.15 -11.73
N ARG B 56 -27.34 -3.36 -12.72
CA ARG B 56 -27.98 -3.90 -13.91
C ARG B 56 -27.08 -3.79 -15.12
N VAL B 57 -27.02 -4.87 -15.90
CA VAL B 57 -26.30 -4.86 -17.17
C VAL B 57 -27.22 -5.38 -18.29
N ALA B 58 -27.28 -4.62 -19.39
CA ALA B 58 -28.08 -4.95 -20.55
C ALA B 58 -27.50 -6.20 -21.22
N LEU B 59 -28.38 -7.10 -21.64
CA LEU B 59 -27.96 -8.32 -22.33
C LEU B 59 -28.28 -8.22 -23.83
N VAL B 60 -27.25 -8.03 -24.64
CA VAL B 60 -27.39 -7.85 -26.09
C VAL B 60 -27.26 -9.17 -26.85
N GLN B 61 -26.67 -10.16 -26.20
CA GLN B 61 -26.56 -11.50 -26.74
C GLN B 61 -27.72 -12.36 -26.21
N PRO B 62 -27.98 -13.51 -26.87
CA PRO B 62 -29.01 -14.43 -26.41
C PRO B 62 -28.84 -14.86 -24.96
N HIS B 63 -29.95 -15.00 -24.26
CA HIS B 63 -29.95 -15.27 -22.82
C HIS B 63 -31.20 -16.03 -22.45
N GLU B 64 -31.17 -16.67 -21.29
CA GLU B 64 -32.29 -17.43 -20.81
C GLU B 64 -32.52 -17.04 -19.37
N PRO B 65 -33.80 -16.85 -18.99
CA PRO B 65 -34.07 -16.34 -17.66
C PRO B 65 -33.79 -17.36 -16.57
N GLY B 66 -33.67 -16.86 -15.35
CA GLY B 66 -33.42 -17.69 -14.19
C GLY B 66 -32.58 -16.94 -13.17
N ALA B 67 -32.31 -17.59 -12.04
CA ALA B 67 -31.64 -16.94 -10.93
C ALA B 67 -30.85 -17.92 -10.10
N THR B 68 -29.68 -17.48 -9.66
CA THR B 68 -28.87 -18.23 -8.70
C THR B 68 -27.97 -17.27 -7.91
N THR B 69 -27.21 -17.82 -6.95
CA THR B 69 -26.17 -17.08 -6.24
C THR B 69 -24.84 -17.83 -6.36
N VAL B 70 -23.76 -17.06 -6.44
CA VAL B 70 -22.42 -17.58 -6.69
C VAL B 70 -21.42 -16.87 -5.77
N PRO B 71 -20.34 -17.55 -5.34
CA PRO B 71 -19.32 -16.87 -4.52
C PRO B 71 -18.80 -15.58 -5.17
N ALA B 72 -18.97 -14.46 -4.48
CA ALA B 72 -18.63 -13.13 -5.00
C ALA B 72 -17.16 -13.00 -5.40
N ARG B 73 -16.26 -13.23 -4.44
CA ARG B 73 -14.82 -13.07 -4.67
C ARG B 73 -14.28 -13.97 -5.79
N LYS B 74 -14.62 -15.26 -5.75
CA LYS B 74 -14.15 -16.17 -6.78
C LYS B 74 -14.69 -15.81 -8.16
N PHE B 75 -15.96 -15.44 -8.24
CA PHE B 75 -16.54 -15.08 -9.54
C PHE B 75 -15.90 -13.81 -10.07
N PHE B 76 -15.75 -12.80 -9.20
CA PHE B 76 -15.03 -11.57 -9.54
C PHE B 76 -13.59 -11.86 -10.02
N ASP B 77 -12.87 -12.67 -9.27
CA ASP B 77 -11.48 -12.97 -9.58
C ASP B 77 -11.31 -13.71 -10.91
N ILE B 78 -12.22 -14.65 -11.19
CA ILE B 78 -12.22 -15.35 -12.47
C ILE B 78 -12.45 -14.36 -13.61
N CYS B 79 -13.50 -13.54 -13.49
CA CYS B 79 -13.79 -12.54 -14.52
C CYS B 79 -12.60 -11.57 -14.72
N ARG B 80 -12.04 -11.07 -13.63
CA ARG B 80 -10.90 -10.14 -13.74
C ARG B 80 -9.67 -10.82 -14.34
N GLY B 81 -9.47 -12.09 -13.99
CA GLY B 81 -8.34 -12.89 -14.47
C GLY B 81 -8.38 -13.26 -15.94
N LEU B 82 -9.56 -13.20 -16.55
CA LEU B 82 -9.68 -13.47 -17.98
C LEU B 82 -9.12 -12.28 -18.80
N PRO B 83 -8.78 -12.52 -20.07
CA PRO B 83 -8.16 -11.46 -20.89
C PRO B 83 -9.10 -10.30 -21.20
N GLU B 84 -8.54 -9.10 -21.33
CA GLU B 84 -9.31 -7.90 -21.66
C GLU B 84 -10.26 -8.14 -22.84
N GLY B 85 -11.52 -7.76 -22.65
CA GLY B 85 -12.55 -7.92 -23.70
C GLY B 85 -13.00 -9.33 -24.05
N ALA B 86 -12.64 -10.29 -23.19
CA ALA B 86 -13.05 -11.69 -23.39
C ALA B 86 -14.56 -11.81 -23.25
N GLU B 87 -15.15 -12.76 -23.97
CA GLU B 87 -16.58 -13.04 -23.85
C GLU B 87 -16.80 -14.09 -22.77
N ILE B 88 -17.68 -13.80 -21.83
CA ILE B 88 -17.92 -14.72 -20.73
C ILE B 88 -19.32 -15.34 -20.79
N ALA B 89 -19.34 -16.66 -21.03
CA ALA B 89 -20.56 -17.43 -21.15
C ALA B 89 -20.86 -18.11 -19.83
N VAL B 90 -22.06 -17.85 -19.31
CA VAL B 90 -22.45 -18.40 -18.03
C VAL B 90 -23.75 -19.19 -18.16
N GLN B 91 -23.77 -20.39 -17.60
CA GLN B 91 -25.00 -21.16 -17.49
C GLN B 91 -25.07 -21.96 -16.19
N LEU B 92 -26.29 -22.14 -15.69
CA LEU B 92 -26.54 -23.01 -14.55
C LEU B 92 -26.56 -24.46 -15.00
N GLU B 93 -25.91 -25.33 -14.25
CA GLU B 93 -25.90 -26.77 -14.52
C GLU B 93 -25.94 -27.57 -13.22
N GLY B 94 -27.14 -27.99 -12.83
CA GLY B 94 -27.34 -28.70 -11.57
C GLY B 94 -27.19 -27.75 -10.40
N GLU B 95 -26.33 -28.12 -9.46
CA GLU B 95 -26.02 -27.25 -8.30
C GLU B 95 -24.84 -26.32 -8.59
N ARG B 96 -24.36 -26.32 -9.83
CA ARG B 96 -23.17 -25.57 -10.21
CA ARG B 96 -23.16 -25.56 -10.19
C ARG B 96 -23.45 -24.47 -11.23
N MET B 97 -22.62 -23.45 -11.22
CA MET B 97 -22.65 -22.43 -12.25
C MET B 97 -21.38 -22.55 -13.08
N LEU B 98 -21.59 -22.75 -14.37
CA LEU B 98 -20.51 -22.93 -15.31
C LEU B 98 -20.13 -21.59 -15.94
N VAL B 99 -18.83 -21.34 -15.96
CA VAL B 99 -18.28 -20.14 -16.56
C VAL B 99 -17.27 -20.56 -17.63
N ARG B 100 -17.46 -20.09 -18.86
CA ARG B 100 -16.58 -20.44 -19.95
C ARG B 100 -16.19 -19.25 -20.82
N SER B 101 -14.90 -19.16 -21.10
CA SER B 101 -14.37 -18.13 -21.98
C SER B 101 -13.13 -18.70 -22.66
N GLY B 102 -13.10 -18.67 -23.98
CA GLY B 102 -12.01 -19.30 -24.75
C GLY B 102 -11.91 -20.74 -24.32
N ARG B 103 -10.70 -21.19 -23.95
CA ARG B 103 -10.49 -22.54 -23.45
CA ARG B 103 -10.53 -22.55 -23.44
C ARG B 103 -10.24 -22.54 -21.94
N SER B 104 -10.88 -21.59 -21.25
CA SER B 104 -10.86 -21.50 -19.80
C SER B 104 -12.26 -21.89 -19.33
N ARG B 105 -12.36 -22.89 -18.45
CA ARG B 105 -13.65 -23.39 -17.97
C ARG B 105 -13.65 -23.42 -16.44
N PHE B 106 -14.76 -23.00 -15.83
CA PHE B 106 -14.88 -22.98 -14.37
C PHE B 106 -16.26 -23.45 -13.95
N SER B 107 -16.29 -24.14 -12.82
CA SER B 107 -17.52 -24.66 -12.28
C SER B 107 -17.58 -24.23 -10.83
N LEU B 108 -18.54 -23.37 -10.52
CA LEU B 108 -18.64 -22.76 -9.20
C LEU B 108 -19.82 -23.31 -8.42
N SER B 109 -19.66 -23.39 -7.10
CA SER B 109 -20.75 -23.80 -6.22
C SER B 109 -21.83 -22.73 -6.22
N THR B 110 -23.08 -23.14 -6.04
CA THR B 110 -24.17 -22.17 -5.95
C THR B 110 -24.93 -22.31 -4.65
N LEU B 111 -25.58 -21.23 -4.22
CA LEU B 111 -26.62 -21.31 -3.21
C LEU B 111 -27.91 -20.79 -3.85
N PRO B 112 -29.07 -21.36 -3.44
CA PRO B 112 -30.38 -21.01 -4.02
C PRO B 112 -30.70 -19.52 -3.93
N ALA B 113 -31.19 -18.95 -5.04
CA ALA B 113 -31.65 -17.56 -5.07
C ALA B 113 -32.76 -17.32 -4.03
N ALA B 114 -33.59 -18.35 -3.80
CA ALA B 114 -34.65 -18.29 -2.79
C ALA B 114 -34.14 -17.98 -1.38
N ASP B 115 -32.86 -18.27 -1.11
CA ASP B 115 -32.27 -18.07 0.20
C ASP B 115 -31.59 -16.69 0.33
N PHE B 116 -31.47 -15.98 -0.79
CA PHE B 116 -30.82 -14.67 -0.77
C PHE B 116 -31.72 -13.67 -0.05
N PRO B 117 -31.17 -12.98 0.97
CA PRO B 117 -31.99 -12.13 1.82
C PRO B 117 -32.35 -10.78 1.21
N ASN B 118 -33.56 -10.30 1.50
CA ASN B 118 -34.00 -8.97 1.07
C ASN B 118 -34.03 -8.05 2.27
N LEU B 119 -33.73 -6.78 2.05
CA LEU B 119 -33.99 -5.76 3.05
C LEU B 119 -35.50 -5.62 3.20
N ASP B 120 -35.95 -5.20 4.38
CA ASP B 120 -37.38 -4.99 4.61
C ASP B 120 -37.91 -3.95 3.63
N ASP B 121 -39.14 -4.16 3.17
CA ASP B 121 -39.83 -3.21 2.31
C ASP B 121 -40.05 -1.90 3.07
N TRP B 122 -40.05 -0.78 2.36
CA TRP B 122 -40.18 0.54 3.00
C TRP B 122 -40.72 1.60 2.04
N GLN B 123 -41.15 2.74 2.58
CA GLN B 123 -41.70 3.83 1.77
C GLN B 123 -40.79 5.06 1.77
N SER B 124 -40.61 5.64 0.58
CA SER B 124 -39.80 6.83 0.41
C SER B 124 -40.61 8.04 0.86
N GLU B 125 -39.99 8.91 1.65
CA GLU B 125 -40.70 10.05 2.23
C GLU B 125 -40.12 11.40 1.81
N VAL B 126 -38.81 11.45 1.60
CA VAL B 126 -38.16 12.63 1.01
C VAL B 126 -37.22 12.25 -0.12
N GLU B 127 -37.29 13.02 -1.21
CA GLU B 127 -36.54 12.69 -2.44
C GLU B 127 -35.95 13.94 -3.08
N PHE B 128 -34.80 13.75 -3.71
CA PHE B 128 -34.17 14.82 -4.47
C PHE B 128 -33.15 14.25 -5.44
N THR B 129 -32.88 15.01 -6.50
CA THR B 129 -31.84 14.68 -7.46
C THR B 129 -30.77 15.74 -7.37
N LEU B 130 -29.52 15.33 -7.49
CA LEU B 130 -28.39 16.25 -7.52
C LEU B 130 -27.25 15.69 -8.38
N PRO B 131 -26.37 16.59 -8.88
CA PRO B 131 -25.22 16.05 -9.61
C PRO B 131 -24.36 15.16 -8.70
N GLN B 132 -23.84 14.07 -9.26
CA GLN B 132 -22.91 13.19 -8.52
C GLN B 132 -21.76 13.95 -7.86
N ALA B 133 -21.19 14.91 -8.60
CA ALA B 133 -20.03 15.64 -8.12
C ALA B 133 -20.35 16.40 -6.84
N THR B 134 -21.60 16.84 -6.72
CA THR B 134 -22.08 17.57 -5.53
C THR B 134 -22.11 16.62 -4.32
N MET B 135 -22.66 15.42 -4.50
CA MET B 135 -22.67 14.44 -3.41
C MET B 135 -21.25 14.04 -3.03
N LYS B 136 -20.40 13.85 -4.03
CA LYS B 136 -19.00 13.50 -3.80
C LYS B 136 -18.32 14.59 -2.96
N ARG B 137 -18.53 15.85 -3.35
CA ARG B 137 -18.00 16.99 -2.60
C ARG B 137 -18.47 16.95 -1.14
N LEU B 138 -19.78 16.80 -0.93
CA LEU B 138 -20.38 16.73 0.41
C LEU B 138 -19.76 15.65 1.30
N ILE B 139 -19.61 14.45 0.76
CA ILE B 139 -19.06 13.33 1.53
C ILE B 139 -17.57 13.49 1.77
N GLU B 140 -16.82 13.81 0.71
CA GLU B 140 -15.37 13.93 0.82
C GLU B 140 -14.97 15.01 1.81
N ALA B 141 -15.76 16.08 1.86
CA ALA B 141 -15.45 17.19 2.74
C ALA B 141 -15.50 16.82 4.22
N THR B 142 -16.26 15.79 4.57
CA THR B 142 -16.53 15.48 5.99
C THR B 142 -16.19 14.07 6.45
N GLN B 143 -16.12 13.13 5.50
CA GLN B 143 -15.90 11.70 5.79
C GLN B 143 -14.83 11.41 6.87
N PHE B 144 -13.67 12.05 6.75
CA PHE B 144 -12.55 11.80 7.67
C PHE B 144 -12.88 12.08 9.14
N SER B 145 -13.94 12.85 9.40
CA SER B 145 -14.28 13.19 10.78
C SER B 145 -15.29 12.27 11.47
N MET B 146 -15.79 11.27 10.75
CA MET B 146 -16.70 10.28 11.34
C MET B 146 -15.96 9.47 12.41
N ALA B 147 -16.67 9.06 13.46
CA ALA B 147 -16.09 8.08 14.39
C ALA B 147 -16.08 6.70 13.72
N HIS B 148 -15.23 5.81 14.24
CA HIS B 148 -15.06 4.48 13.65
C HIS B 148 -15.90 3.42 14.35
N GLN B 149 -15.54 3.12 15.59
CA GLN B 149 -16.26 2.13 16.38
C GLN B 149 -16.48 2.61 17.80
N ASP B 150 -17.03 3.82 17.92
CA ASP B 150 -17.30 4.42 19.22
C ASP B 150 -18.52 3.78 19.85
N VAL B 151 -18.53 3.69 21.18
CA VAL B 151 -19.71 3.22 21.92
C VAL B 151 -20.93 4.09 21.63
N ARG B 152 -20.69 5.38 21.39
CA ARG B 152 -21.73 6.25 20.87
C ARG B 152 -21.93 5.90 19.41
N TYR B 153 -22.80 4.92 19.21
CA TYR B 153 -23.00 4.27 17.92
C TYR B 153 -23.47 5.25 16.83
N TYR B 154 -24.17 6.30 17.26
CA TYR B 154 -24.72 7.32 16.36
C TYR B 154 -23.65 8.23 15.73
N LEU B 155 -22.42 8.19 16.25
CA LEU B 155 -21.28 8.93 15.67
C LEU B 155 -20.55 8.12 14.59
N ASN B 156 -20.86 6.82 14.51
CA ASN B 156 -20.23 5.94 13.53
C ASN B 156 -20.92 6.04 12.17
N GLY B 157 -21.07 7.27 11.70
CA GLY B 157 -21.76 7.55 10.44
C GLY B 157 -21.75 9.04 10.17
N MET B 158 -22.61 9.47 9.25
CA MET B 158 -22.62 10.85 8.78
C MET B 158 -24.06 11.32 8.78
N LEU B 159 -24.30 12.51 9.33
CA LEU B 159 -25.60 13.16 9.23
C LEU B 159 -25.81 13.71 7.82
N PHE B 160 -26.97 13.40 7.24
CA PHE B 160 -27.43 14.03 6.02
C PHE B 160 -28.67 14.84 6.37
N GLU B 161 -28.58 16.14 6.14
CA GLU B 161 -29.62 17.07 6.53
C GLU B 161 -30.06 17.87 5.32
N THR B 162 -31.38 17.97 5.14
CA THR B 162 -31.95 18.87 4.14
C THR B 162 -32.58 20.08 4.86
N GLU B 163 -32.41 21.24 4.28
CA GLU B 163 -32.95 22.49 4.83
C GLU B 163 -33.06 23.54 3.72
N GLY B 164 -34.27 24.07 3.52
CA GLY B 164 -34.54 24.99 2.42
C GLY B 164 -34.19 24.31 1.11
N GLU B 165 -33.18 24.84 0.42
CA GLU B 165 -32.75 24.32 -0.86
C GLU B 165 -31.36 23.68 -0.81
N GLU B 166 -30.87 23.41 0.39
CA GLU B 166 -29.57 22.78 0.46
C GLU B 166 -29.51 21.44 1.18
N LEU B 167 -28.51 20.67 0.80
CA LEU B 167 -28.19 19.41 1.46
C LEU B 167 -26.90 19.62 2.23
N ARG B 168 -26.86 19.09 3.44
CA ARG B 168 -25.71 19.26 4.31
C ARG B 168 -25.26 17.92 4.91
N THR B 169 -23.95 17.74 5.01
CA THR B 169 -23.39 16.61 5.73
C THR B 169 -22.64 17.12 6.94
N VAL B 170 -22.73 16.34 8.02
CA VAL B 170 -22.02 16.63 9.25
C VAL B 170 -21.37 15.34 9.69
N ALA B 171 -20.13 15.43 10.13
CA ALA B 171 -19.46 14.29 10.74
C ALA B 171 -18.67 14.75 11.95
N THR B 172 -18.73 13.95 13.01
CA THR B 172 -17.93 14.20 14.22
C THR B 172 -17.59 12.91 14.95
N ASP B 173 -16.43 12.89 15.60
CA ASP B 173 -16.02 11.74 16.39
C ASP B 173 -16.14 12.10 17.87
N GLY B 174 -16.79 13.23 18.13
CA GLY B 174 -16.96 13.74 19.47
C GLY B 174 -15.79 14.59 19.93
N HIS B 175 -14.82 14.79 19.05
CA HIS B 175 -13.64 15.60 19.36
C HIS B 175 -13.44 16.70 18.33
N ARG B 176 -13.47 16.34 17.06
CA ARG B 176 -13.44 17.34 15.99
C ARG B 176 -14.66 17.16 15.09
N LEU B 177 -15.05 18.25 14.44
CA LEU B 177 -16.25 18.22 13.62
C LEU B 177 -16.00 18.79 12.22
N ALA B 178 -16.67 18.20 11.24
CA ALA B 178 -16.68 18.70 9.87
C ALA B 178 -18.14 18.89 9.40
N VAL B 179 -18.37 19.98 8.67
CA VAL B 179 -19.68 20.28 8.10
C VAL B 179 -19.51 20.80 6.68
N CYS B 180 -20.36 20.34 5.76
CA CYS B 180 -20.36 20.88 4.40
C CYS B 180 -21.79 21.05 3.91
N SER B 181 -22.10 22.23 3.35
CA SER B 181 -23.45 22.54 2.85
C SER B 181 -23.41 23.00 1.40
N MET B 182 -24.30 22.46 0.58
CA MET B 182 -24.36 22.79 -0.84
C MET B 182 -25.81 23.03 -1.27
N PRO B 183 -26.05 24.11 -2.05
CA PRO B 183 -27.41 24.30 -2.59
C PRO B 183 -27.65 23.32 -3.73
N ILE B 184 -28.84 22.73 -3.76
CA ILE B 184 -29.16 21.76 -4.80
C ILE B 184 -30.38 22.15 -5.69
N GLY B 185 -30.86 23.39 -5.52
CA GLY B 185 -31.87 23.94 -6.42
C GLY B 185 -33.25 23.29 -6.35
N GLN B 186 -33.58 22.71 -5.20
CA GLN B 186 -34.91 22.14 -4.97
C GLN B 186 -35.35 22.47 -3.57
N SER B 187 -36.63 22.81 -3.44
CA SER B 187 -37.25 23.07 -2.16
C SER B 187 -37.38 21.75 -1.40
N LEU B 188 -36.78 21.69 -0.22
CA LEU B 188 -36.73 20.45 0.55
C LEU B 188 -37.41 20.60 1.90
N PRO B 189 -38.01 19.51 2.40
CA PRO B 189 -38.47 19.54 3.79
C PRO B 189 -37.25 19.58 4.71
N SER B 190 -37.42 20.10 5.91
CA SER B 190 -36.37 20.06 6.92
C SER B 190 -36.32 18.67 7.51
N HIS B 191 -35.18 18.01 7.35
CA HIS B 191 -35.04 16.60 7.69
C HIS B 191 -33.59 16.24 7.90
N SER B 192 -33.33 15.29 8.78
CA SER B 192 -31.97 14.76 8.89
C SER B 192 -31.98 13.29 9.28
N VAL B 193 -31.01 12.56 8.74
CA VAL B 193 -30.86 11.12 9.00
C VAL B 193 -29.38 10.81 9.18
N ILE B 194 -29.08 9.68 9.83
CA ILE B 194 -27.70 9.22 9.99
C ILE B 194 -27.41 8.00 9.11
N VAL B 195 -26.45 8.13 8.21
CA VAL B 195 -26.03 7.04 7.34
C VAL B 195 -24.85 6.33 8.00
N PRO B 196 -24.93 4.99 8.18
CA PRO B 196 -23.82 4.25 8.81
C PRO B 196 -22.52 4.43 8.03
N ARG B 197 -21.40 4.44 8.73
CA ARG B 197 -20.13 4.72 8.04
C ARG B 197 -19.83 3.79 6.85
N LYS B 198 -20.09 2.49 6.97
CA LYS B 198 -19.87 1.57 5.84
C LYS B 198 -20.74 1.96 4.64
N GLY B 199 -21.93 2.45 4.94
CA GLY B 199 -22.86 2.93 3.92
C GLY B 199 -22.35 4.16 3.19
N VAL B 200 -21.79 5.10 3.96
CA VAL B 200 -21.15 6.29 3.40
C VAL B 200 -20.02 5.92 2.43
N ILE B 201 -19.12 5.02 2.86
CA ILE B 201 -18.03 4.52 2.02
C ILE B 201 -18.55 3.84 0.74
N GLU B 202 -19.56 2.99 0.88
CA GLU B 202 -20.14 2.30 -0.29
C GLU B 202 -20.81 3.28 -1.26
N LEU B 203 -21.57 4.22 -0.72
CA LEU B 203 -22.20 5.28 -1.52
C LEU B 203 -21.15 6.08 -2.28
N MET B 204 -20.07 6.45 -1.58
CA MET B 204 -19.00 7.22 -2.17
C MET B 204 -18.38 6.50 -3.38
N ARG B 205 -18.13 5.20 -3.25
CA ARG B 205 -17.49 4.49 -4.33
C ARG B 205 -18.42 4.10 -5.48
N MET B 206 -19.73 4.26 -5.27
CA MET B 206 -20.70 4.11 -6.36
C MET B 206 -20.72 5.34 -7.28
N LEU B 207 -20.15 6.45 -6.80
CA LEU B 207 -20.13 7.68 -7.56
C LEU B 207 -18.91 7.64 -8.47
N ASP B 208 -19.18 7.48 -9.77
CA ASP B 208 -18.13 7.08 -10.72
C ASP B 208 -17.47 8.25 -11.40
N GLY B 209 -17.83 9.47 -10.98
CA GLY B 209 -17.29 10.69 -11.58
C GLY B 209 -17.92 11.19 -12.88
N GLY B 210 -19.02 10.56 -13.30
CA GLY B 210 -19.67 10.90 -14.59
C GLY B 210 -20.89 11.81 -14.59
N ASP B 211 -21.61 11.81 -15.72
CA ASP B 211 -22.74 12.71 -15.95
C ASP B 211 -24.12 12.19 -15.54
N ASN B 212 -24.19 10.94 -15.09
CA ASN B 212 -25.45 10.42 -14.55
C ASN B 212 -25.84 11.20 -13.29
N PRO B 213 -27.07 11.72 -13.24
CA PRO B 213 -27.52 12.40 -12.02
C PRO B 213 -27.75 11.39 -10.90
N LEU B 214 -27.69 11.85 -9.66
CA LEU B 214 -27.94 10.99 -8.52
C LEU B 214 -29.32 11.26 -7.91
N ARG B 215 -30.13 10.21 -7.81
CA ARG B 215 -31.44 10.30 -7.19
C ARG B 215 -31.42 9.68 -5.79
N VAL B 216 -31.78 10.48 -4.80
CA VAL B 216 -31.78 10.03 -3.41
C VAL B 216 -33.21 9.94 -2.90
N GLN B 217 -33.52 8.84 -2.21
CA GLN B 217 -34.81 8.64 -1.55
C GLN B 217 -34.55 8.27 -0.10
N ILE B 218 -35.20 8.98 0.80
CA ILE B 218 -35.01 8.76 2.24
C ILE B 218 -36.35 8.35 2.84
N GLY B 219 -36.34 7.24 3.57
CA GLY B 219 -37.51 6.76 4.32
C GLY B 219 -37.28 6.94 5.80
N SER B 220 -38.19 6.42 6.62
CA SER B 220 -38.05 6.58 8.08
C SER B 220 -36.79 5.90 8.62
N ASN B 221 -36.47 4.73 8.08
CA ASN B 221 -35.33 3.95 8.58
C ASN B 221 -34.38 3.47 7.47
N ASN B 222 -34.54 4.01 6.27
CA ASN B 222 -33.70 3.62 5.13
C ASN B 222 -33.34 4.80 4.23
N ILE B 223 -32.25 4.62 3.50
CA ILE B 223 -31.86 5.53 2.43
C ILE B 223 -31.53 4.74 1.16
N ARG B 224 -31.90 5.31 0.02
CA ARG B 224 -31.57 4.71 -1.27
C ARG B 224 -30.96 5.75 -2.19
N ALA B 225 -29.92 5.34 -2.92
CA ALA B 225 -29.32 6.18 -3.96
C ALA B 225 -29.29 5.45 -5.31
N HIS B 226 -29.81 6.11 -6.34
CA HIS B 226 -29.85 5.59 -7.72
C HIS B 226 -28.92 6.42 -8.63
N VAL B 227 -27.93 5.77 -9.24
CA VAL B 227 -27.11 6.40 -10.29
C VAL B 227 -27.02 5.43 -11.43
N GLY B 228 -27.47 5.83 -12.61
CA GLY B 228 -27.38 5.00 -13.81
C GLY B 228 -27.84 3.58 -13.55
N ASP B 229 -26.94 2.62 -13.75
CA ASP B 229 -27.27 1.19 -13.61
C ASP B 229 -27.15 0.64 -12.19
N PHE B 230 -26.94 1.50 -11.20
CA PHE B 230 -26.67 1.06 -9.82
C PHE B 230 -27.70 1.58 -8.83
N ILE B 231 -28.11 0.73 -7.90
CA ILE B 231 -29.06 1.12 -6.85
C ILE B 231 -28.52 0.67 -5.50
N PHE B 232 -28.22 1.65 -4.64
CA PHE B 232 -27.74 1.38 -3.29
C PHE B 232 -28.84 1.63 -2.26
N THR B 233 -29.00 0.73 -1.29
CA THR B 233 -29.98 0.89 -0.22
C THR B 233 -29.31 0.52 1.10
N SER B 234 -29.51 1.36 2.11
CA SER B 234 -28.95 1.12 3.44
C SER B 234 -29.96 1.41 4.53
N LYS B 235 -29.85 0.69 5.64
CA LYS B 235 -30.51 1.07 6.88
C LYS B 235 -29.87 2.37 7.38
N LEU B 236 -30.67 3.19 8.06
CA LEU B 236 -30.13 4.34 8.75
C LEU B 236 -29.76 3.93 10.18
N VAL B 237 -28.90 4.72 10.82
CA VAL B 237 -28.60 4.48 12.23
C VAL B 237 -29.73 5.13 13.02
N ASP B 238 -30.40 4.31 13.83
CA ASP B 238 -31.49 4.80 14.66
C ASP B 238 -30.93 5.40 15.94
N GLY B 239 -30.74 6.71 15.92
CA GLY B 239 -30.21 7.43 17.05
C GLY B 239 -30.32 8.94 16.86
N ARG B 240 -29.87 9.68 17.85
CA ARG B 240 -29.89 11.15 17.80
C ARG B 240 -28.47 11.67 17.57
N PHE B 241 -28.31 12.57 16.60
CA PHE B 241 -27.00 13.14 16.27
C PHE B 241 -26.79 14.48 16.98
N PRO B 242 -25.54 14.81 17.36
CA PRO B 242 -25.24 16.15 17.92
C PRO B 242 -25.58 17.31 16.98
N ASP B 243 -25.91 18.46 17.55
CA ASP B 243 -26.27 19.65 16.77
C ASP B 243 -25.03 20.48 16.44
N TYR B 244 -24.66 20.52 15.15
CA TYR B 244 -23.42 21.17 14.73
C TYR B 244 -23.41 22.67 15.06
N ARG B 245 -24.61 23.26 15.12
CA ARG B 245 -24.75 24.68 15.42
C ARG B 245 -24.19 25.02 16.78
N ARG B 246 -24.25 24.08 17.72
CA ARG B 246 -23.79 24.34 19.09
C ARG B 246 -22.28 24.13 19.22
N VAL B 247 -21.68 23.52 18.19
CA VAL B 247 -20.25 23.22 18.18
C VAL B 247 -19.44 24.33 17.51
N LEU B 248 -19.99 24.93 16.47
CA LEU B 248 -19.33 26.05 15.77
C LEU B 248 -19.12 27.20 16.75
N PRO B 249 -17.89 27.76 16.79
CA PRO B 249 -17.65 28.90 17.69
C PRO B 249 -18.54 30.08 17.34
N LYS B 250 -19.25 30.61 18.33
CA LYS B 250 -20.14 31.75 18.11
C LYS B 250 -19.33 33.00 17.78
N ASN B 251 -19.62 33.60 16.62
CA ASN B 251 -19.00 34.86 16.21
C ASN B 251 -17.52 35.01 16.58
N PRO B 252 -16.63 34.23 15.93
CA PRO B 252 -15.19 34.42 16.18
C PRO B 252 -14.73 35.74 15.56
N ASP B 253 -13.94 36.51 16.31
CA ASP B 253 -13.59 37.88 15.92
C ASP B 253 -12.21 38.05 15.25
N LYS B 254 -11.42 36.97 15.18
CA LYS B 254 -10.05 37.07 14.68
C LYS B 254 -9.79 36.08 13.54
N HIS B 255 -9.41 36.62 12.39
N HIS B 255 -9.44 36.60 12.37
CA HIS B 255 -9.21 35.82 11.19
CA HIS B 255 -9.25 35.74 11.20
C HIS B 255 -7.76 35.88 10.70
C HIS B 255 -7.85 35.84 10.59
N LEU B 256 -7.17 34.69 10.54
CA LEU B 256 -5.85 34.58 9.94
C LEU B 256 -6.02 33.87 8.59
N GLU B 257 -5.35 34.37 7.55
CA GLU B 257 -5.30 33.69 6.25
C GLU B 257 -3.87 33.36 5.86
N ALA B 258 -3.68 32.17 5.31
CA ALA B 258 -2.36 31.73 4.88
C ALA B 258 -2.50 30.71 3.77
N GLY B 259 -1.45 30.57 2.96
CA GLY B 259 -1.39 29.52 1.96
C GLY B 259 -1.58 28.17 2.63
N CYS B 260 -2.46 27.35 2.07
CA CYS B 260 -2.78 26.04 2.63
C CYS B 260 -1.52 25.18 2.78
N ASP B 261 -0.77 25.06 1.68
CA ASP B 261 0.38 24.17 1.69
C ASP B 261 1.50 24.64 2.61
N LEU B 262 1.79 25.94 2.59
CA LEU B 262 2.79 26.47 3.50
C LEU B 262 2.40 26.19 4.95
N LEU B 263 1.13 26.38 5.27
CA LEU B 263 0.65 26.17 6.64
C LEU B 263 0.76 24.70 7.03
N LYS B 264 0.32 23.84 6.13
CA LYS B 264 0.33 22.40 6.34
C LYS B 264 1.76 21.87 6.56
N GLN B 265 2.70 22.31 5.72
CA GLN B 265 4.10 21.87 5.84
C GLN B 265 4.72 22.33 7.15
N ALA B 266 4.40 23.55 7.57
CA ALA B 266 4.88 24.07 8.86
C ALA B 266 4.31 23.24 10.02
N PHE B 267 3.02 22.96 9.98
CA PHE B 267 2.41 22.11 10.99
C PHE B 267 2.97 20.70 10.96
N ALA B 268 3.21 20.16 9.77
CA ALA B 268 3.72 18.78 9.63
C ALA B 268 5.13 18.62 10.22
N ARG B 269 5.99 19.61 10.00
CA ARG B 269 7.34 19.59 10.58
C ARG B 269 7.26 19.74 12.11
N ALA B 270 6.44 20.68 12.59
CA ALA B 270 6.29 20.89 14.02
C ALA B 270 5.79 19.62 14.73
N ALA B 271 4.82 18.94 14.10
CA ALA B 271 4.22 17.71 14.61
C ALA B 271 5.26 16.64 14.98
N ILE B 272 6.35 16.60 14.24
CA ILE B 272 7.43 15.64 14.47
C ILE B 272 7.91 15.67 15.93
N LEU B 273 7.90 16.85 16.55
CA LEU B 273 8.38 16.97 17.92
C LEU B 273 7.27 17.22 18.94
N SER B 274 6.05 16.87 18.54
CA SER B 274 4.91 16.97 19.45
C SER B 274 4.75 15.67 20.22
N ASN B 275 4.01 15.73 21.34
CA ASN B 275 3.65 14.55 22.09
C ASN B 275 2.95 13.50 21.22
N GLU B 276 3.47 12.28 21.20
CA GLU B 276 3.01 11.21 20.31
C GLU B 276 1.55 10.80 20.54
N LYS B 277 1.09 10.89 21.78
CA LYS B 277 -0.28 10.54 22.13
C LYS B 277 -1.26 11.71 21.99
N PHE B 278 -0.87 12.89 22.45
CA PHE B 278 -1.83 14.00 22.54
C PHE B 278 -1.66 15.10 21.50
N ARG B 279 -0.48 15.12 20.88
CA ARG B 279 -0.23 15.85 19.64
C ARG B 279 -0.44 17.37 19.71
N GLY B 280 -0.25 17.92 20.91
CA GLY B 280 -0.48 19.35 21.13
C GLY B 280 0.59 20.22 20.52
N VAL B 281 0.16 21.22 19.75
CA VAL B 281 1.05 22.29 19.27
C VAL B 281 0.44 23.65 19.65
N ARG B 282 1.30 24.65 19.84
CA ARG B 282 0.86 25.99 20.25
C ARG B 282 1.03 26.99 19.11
N LEU B 283 0.07 27.89 18.98
CA LEU B 283 0.15 28.98 18.02
C LEU B 283 0.29 30.30 18.77
N TYR B 284 1.14 31.17 18.26
CA TYR B 284 1.22 32.55 18.71
C TYR B 284 0.99 33.45 17.49
N VAL B 285 -0.14 34.15 17.51
CA VAL B 285 -0.48 35.00 16.39
C VAL B 285 -0.23 36.48 16.73
N SER B 286 0.42 37.18 15.81
CA SER B 286 0.72 38.61 15.93
C SER B 286 0.57 39.23 14.54
N GLU B 287 0.78 40.54 14.42
CA GLU B 287 0.57 41.25 13.16
CA GLU B 287 0.59 41.27 13.16
C GLU B 287 1.27 40.56 11.98
N ASN B 288 0.45 40.03 11.07
CA ASN B 288 0.90 39.33 9.87
C ASN B 288 1.94 38.21 10.09
N GLN B 289 1.95 37.62 11.29
CA GLN B 289 2.88 36.56 11.60
C GLN B 289 2.25 35.45 12.43
N LEU B 290 2.65 34.22 12.14
CA LEU B 290 2.27 33.06 12.93
C LEU B 290 3.52 32.34 13.41
N LYS B 291 3.54 32.00 14.69
CA LYS B 291 4.57 31.13 15.24
C LYS B 291 3.94 29.86 15.78
N ILE B 292 4.48 28.73 15.37
CA ILE B 292 3.99 27.43 15.82
C ILE B 292 5.11 26.78 16.64
N THR B 293 4.79 26.29 17.81
CA THR B 293 5.76 25.54 18.60
C THR B 293 5.22 24.16 18.99
N ALA B 294 6.15 23.21 19.16
CA ALA B 294 5.81 21.91 19.65
C ALA B 294 6.92 21.44 20.59
N ASN B 295 6.55 20.73 21.63
CA ASN B 295 7.55 20.01 22.41
C ASN B 295 6.99 18.68 22.89
N ASN B 296 7.90 17.78 23.30
CA ASN B 296 7.49 16.44 23.72
C ASN B 296 8.05 16.10 25.12
N PRO B 297 7.76 14.91 25.64
CA PRO B 297 8.26 14.57 26.99
C PRO B 297 9.78 14.38 27.06
N GLU B 298 10.45 14.24 25.92
CA GLU B 298 11.93 14.20 25.90
C GLU B 298 12.52 15.60 25.85
N GLN B 299 11.64 16.60 25.91
CA GLN B 299 12.01 18.00 25.91
C GLN B 299 12.70 18.44 24.61
N GLU B 300 12.39 17.73 23.53
CA GLU B 300 12.74 18.19 22.21
C GLU B 300 11.76 19.26 21.78
N GLU B 301 12.16 20.17 20.89
CA GLU B 301 11.37 21.37 20.60
C GLU B 301 11.43 21.79 19.13
N ALA B 302 10.26 22.10 18.57
CA ALA B 302 10.17 22.65 17.19
C ALA B 302 9.58 24.06 17.21
N GLU B 303 10.03 24.91 16.29
CA GLU B 303 9.47 26.22 16.10
C GLU B 303 9.38 26.56 14.61
N GLU B 304 8.22 27.05 14.19
CA GLU B 304 8.00 27.49 12.81
C GLU B 304 7.46 28.91 12.82
N ILE B 305 8.06 29.78 12.03
CA ILE B 305 7.54 31.14 11.87
C ILE B 305 7.23 31.32 10.40
N LEU B 306 6.06 31.89 10.11
CA LEU B 306 5.70 32.18 8.73
C LEU B 306 4.86 33.44 8.59
N ASP B 307 4.99 34.08 7.44
CA ASP B 307 4.14 35.21 7.06
C ASP B 307 2.71 34.74 6.83
N VAL B 308 1.76 35.47 7.40
CA VAL B 308 0.34 35.22 7.19
C VAL B 308 -0.34 36.57 7.07
N THR B 309 -1.64 36.58 6.77
CA THR B 309 -2.43 37.79 6.88
C THR B 309 -3.22 37.79 8.19
N TYR B 310 -2.89 38.73 9.08
CA TYR B 310 -3.55 38.87 10.38
C TYR B 310 -3.31 40.25 10.96
N SER B 311 -4.39 40.88 11.44
CA SER B 311 -4.32 42.24 11.98
C SER B 311 -5.05 42.39 13.32
N GLY B 312 -5.65 41.30 13.81
CA GLY B 312 -6.35 41.33 15.11
C GLY B 312 -5.41 41.36 16.30
N ALA B 313 -5.97 41.26 17.50
CA ALA B 313 -5.16 41.27 18.72
C ALA B 313 -4.25 40.05 18.81
N GLU B 314 -3.14 40.20 19.52
CA GLU B 314 -2.20 39.10 19.75
C GLU B 314 -2.85 38.09 20.67
N MET B 315 -2.75 36.82 20.30
CA MET B 315 -3.28 35.75 21.14
C MET B 315 -2.53 34.45 20.91
N GLU B 316 -2.64 33.54 21.87
CA GLU B 316 -2.08 32.21 21.69
C GLU B 316 -3.17 31.15 21.86
N ILE B 317 -2.95 29.98 21.25
CA ILE B 317 -3.90 28.89 21.31
C ILE B 317 -3.19 27.59 20.96
N GLY B 318 -3.57 26.52 21.67
CA GLY B 318 -3.07 25.18 21.38
C GLY B 318 -4.14 24.30 20.76
N PHE B 319 -3.69 23.33 19.95
CA PHE B 319 -4.57 22.36 19.28
CA PHE B 319 -4.60 22.30 19.49
C PHE B 319 -3.87 21.03 19.07
N ASN B 320 -4.66 19.98 18.86
CA ASN B 320 -4.18 18.69 18.35
C ASN B 320 -3.79 18.88 16.89
N VAL B 321 -2.49 18.72 16.60
CA VAL B 321 -1.96 18.95 15.24
C VAL B 321 -2.44 17.89 14.23
N SER B 322 -2.74 16.68 14.69
CA SER B 322 -3.29 15.64 13.80
C SER B 322 -4.65 16.08 13.24
N TYR B 323 -5.49 16.60 14.12
CA TYR B 323 -6.82 17.11 13.70
C TYR B 323 -6.68 18.27 12.72
N VAL B 324 -5.72 19.16 12.97
CA VAL B 324 -5.52 20.31 12.09
C VAL B 324 -4.95 19.87 10.73
N LEU B 325 -3.97 18.97 10.74
CA LEU B 325 -3.44 18.41 9.50
C LEU B 325 -4.50 17.66 8.68
N ASP B 326 -5.42 16.96 9.38
CA ASP B 326 -6.54 16.26 8.72
C ASP B 326 -7.36 17.27 7.91
N VAL B 327 -7.67 18.41 8.54
CA VAL B 327 -8.43 19.49 7.92
C VAL B 327 -7.70 20.03 6.69
N LEU B 328 -6.43 20.37 6.87
CA LEU B 328 -5.64 20.98 5.79
C LEU B 328 -5.49 20.06 4.59
N ASN B 329 -5.36 18.76 4.84
CA ASN B 329 -5.34 17.76 3.77
C ASN B 329 -6.69 17.61 3.05
N ALA B 330 -7.78 17.69 3.80
CA ALA B 330 -9.12 17.63 3.24
C ALA B 330 -9.42 18.85 2.36
N LEU B 331 -8.87 20.00 2.74
CA LEU B 331 -9.16 21.26 2.07
C LEU B 331 -8.55 21.35 0.67
N LYS B 332 -7.33 20.85 0.49
CA LYS B 332 -6.68 20.83 -0.83
C LYS B 332 -6.92 22.11 -1.66
N CYS B 333 -6.71 23.27 -1.04
CA CYS B 333 -6.99 24.54 -1.72
C CYS B 333 -5.78 25.46 -1.72
N GLU B 334 -5.97 26.69 -2.19
CA GLU B 334 -4.86 27.61 -2.30
C GLU B 334 -4.63 28.33 -0.98
N ASN B 335 -5.72 28.78 -0.36
CA ASN B 335 -5.62 29.55 0.88
C ASN B 335 -6.63 29.11 1.91
N VAL B 336 -6.24 29.26 3.17
CA VAL B 336 -7.02 28.81 4.31
CA VAL B 336 -7.04 28.82 4.30
C VAL B 336 -7.31 29.99 5.25
N ARG B 337 -8.49 29.95 5.87
CA ARG B 337 -8.94 30.93 6.86
C ARG B 337 -9.07 30.19 8.21
N MET B 338 -8.32 30.64 9.20
CA MET B 338 -8.47 30.13 10.58
C MET B 338 -9.19 31.22 11.39
N MET B 339 -10.38 30.89 11.85
CA MET B 339 -11.24 31.80 12.59
C MET B 339 -11.13 31.58 14.08
N LEU B 340 -10.56 32.57 14.76
CA LEU B 340 -10.10 32.45 16.14
C LEU B 340 -10.88 33.36 17.11
N THR B 341 -10.90 32.98 18.38
CA THR B 341 -11.56 33.76 19.43
C THR B 341 -10.57 34.11 20.56
N ASP B 342 -10.09 33.07 21.24
CA ASP B 342 -9.15 33.20 22.36
C ASP B 342 -8.58 31.83 22.67
N SER B 343 -7.75 31.74 23.70
CA SER B 343 -7.05 30.51 24.06
C SER B 343 -7.94 29.41 24.66
N VAL B 344 -9.19 29.76 24.98
CA VAL B 344 -10.09 28.83 25.66
C VAL B 344 -11.32 28.49 24.80
N SER B 345 -11.24 28.85 23.52
CA SER B 345 -12.30 28.56 22.56
C SER B 345 -11.80 27.72 21.37
N SER B 346 -12.75 27.03 20.73
CA SER B 346 -12.48 26.27 19.52
C SER B 346 -12.07 27.19 18.37
N VAL B 347 -11.51 26.59 17.33
CA VAL B 347 -11.17 27.30 16.08
C VAL B 347 -12.03 26.75 14.94
N GLN B 348 -12.41 27.63 14.02
CA GLN B 348 -13.10 27.18 12.81
C GLN B 348 -12.16 27.42 11.63
N ILE B 349 -12.04 26.41 10.78
CA ILE B 349 -11.13 26.46 9.65
C ILE B 349 -11.92 26.29 8.36
N GLU B 350 -11.61 27.11 7.37
CA GLU B 350 -12.31 27.07 6.09
C GLU B 350 -11.33 27.33 4.94
N ASP B 351 -11.73 26.94 3.74
CA ASP B 351 -11.12 27.44 2.52
C ASP B 351 -11.35 28.94 2.56
N ALA B 352 -10.28 29.72 2.42
CA ALA B 352 -10.43 31.18 2.38
C ALA B 352 -11.39 31.59 1.24
N ALA B 353 -11.49 30.75 0.22
CA ALA B 353 -12.30 31.07 -0.96
C ALA B 353 -13.69 30.43 -0.97
N SER B 354 -14.10 29.82 0.15
CA SER B 354 -15.40 29.15 0.20
C SER B 354 -15.90 28.87 1.62
N GLN B 355 -17.15 29.24 1.89
CA GLN B 355 -17.76 28.98 3.20
C GLN B 355 -18.58 27.66 3.21
N SER B 356 -18.49 26.90 2.12
CA SER B 356 -19.26 25.66 1.98
CA SER B 356 -19.26 25.66 1.97
C SER B 356 -18.92 24.61 3.02
N ALA B 357 -17.63 24.46 3.31
CA ALA B 357 -17.17 23.50 4.31
C ALA B 357 -16.51 24.24 5.47
N ALA B 358 -16.77 23.77 6.69
CA ALA B 358 -16.17 24.35 7.88
C ALA B 358 -15.75 23.24 8.82
N TYR B 359 -14.71 23.50 9.60
CA TYR B 359 -14.12 22.47 10.45
C TYR B 359 -13.83 23.10 11.78
N VAL B 360 -14.18 22.39 12.85
CA VAL B 360 -13.98 22.87 14.21
C VAL B 360 -13.02 21.95 14.94
N VAL B 361 -12.03 22.54 15.59
CA VAL B 361 -11.07 21.82 16.42
C VAL B 361 -11.09 22.47 17.79
N MET B 362 -11.05 21.65 18.84
CA MET B 362 -11.09 22.16 20.20
CA MET B 362 -11.07 22.12 20.23
C MET B 362 -9.74 22.74 20.66
N PRO B 363 -9.77 23.69 21.62
CA PRO B 363 -8.50 24.25 22.10
C PRO B 363 -7.80 23.30 23.07
N MET B 364 -6.48 23.32 23.10
CA MET B 364 -5.72 22.62 24.14
C MET B 364 -4.92 23.60 24.99
N ARG B 365 -4.92 23.35 26.30
CA ARG B 365 -4.05 24.04 27.21
CA ARG B 365 -4.04 24.05 27.22
C ARG B 365 -2.74 23.27 27.30
N LEU B 366 -1.66 23.89 26.85
CA LEU B 366 -0.38 23.19 26.78
C LEU B 366 0.66 23.64 27.80
N ASP C 3 10.72 -32.46 -0.05
CA ASP C 3 11.82 -31.46 0.06
C ASP C 3 12.82 -31.70 -1.08
N LEU C 4 13.42 -30.62 -1.58
CA LEU C 4 14.43 -30.70 -2.66
C LEU C 4 15.76 -31.28 -2.17
N PHE C 5 15.95 -31.25 -0.85
CA PHE C 5 17.21 -31.66 -0.21
C PHE C 5 16.98 -31.93 1.27
#